data_1E8U
#
_entry.id   1E8U
#
_cell.length_a   72.560
_cell.length_b   78.490
_cell.length_c   199.930
_cell.angle_alpha   90.00
_cell.angle_beta   90.00
_cell.angle_gamma   90.00
#
_symmetry.space_group_name_H-M   'P 21 21 21'
#
loop_
_entity.id
_entity.type
_entity.pdbx_description
1 polymer HEMAGGLUTININ-NEURAMINIDASE
2 non-polymer 'CALCIUM ION'
3 non-polymer 'N-acetyl-beta-neuraminic acid'
4 non-polymer 2-acetamido-2-deoxy-beta-D-glucopyranose
5 water water
#
_entity_poly.entity_id   1
_entity_poly.type   'polypeptide(L)'
_entity_poly.pdbx_seq_one_letter_code
;GAPIHDPDFIGGIGKELIVDNASDVTSFYPSAFQEHLNFIPAPTTGSGCTRIPSFDMSATHYCYTHNVILSGCRDHSHSH
QYLALGVLRTTATGRIFFSTLRSISLDDTQNRKSCSVSATPLGCDMLCSKVTETEEEDYNSAVPTLMAHGRLGFDGQYHE
KDLDVTTLFEDWVANYPGVGGGSFIDGRVWFSVYGGLKPNSPSDTVQEGKYVIYKRYNDTCPDEQDYQIRMAKSSYKPGR
FGGKRIQQAILSIKVSTSLGEDPVLTVPPNTVTLMGAEGRILTVGTSHFLYQRGSSYFSPALLYPMTVSNKTATLHSPYT
FNAFTRPGSIPCQASARCPNSCVTGVYTDPYPLIFYRNHTLRGVFGTMLDSEQARLNPASAVFDSTSRSRITRVSSSSTK
AAYTTSTCFKVVKTNKTYCLSIAEISNTLFGEFRIVPLLVEILKNDGVREARSG
;
_entity_poly.pdbx_strand_id   A,B
#
# COMPACT_ATOMS: atom_id res chain seq x y z
N GLY A 1 12.16 -14.24 33.07
CA GLY A 1 11.85 -15.52 32.36
C GLY A 1 11.84 -15.35 30.85
N ALA A 2 12.98 -14.93 30.30
CA ALA A 2 13.12 -14.72 28.87
C ALA A 2 12.79 -15.99 28.09
N PRO A 3 11.78 -15.92 27.20
CA PRO A 3 11.37 -17.05 26.37
C PRO A 3 12.50 -17.60 25.51
N ILE A 4 13.49 -16.75 25.25
CA ILE A 4 14.65 -17.14 24.45
C ILE A 4 14.33 -17.42 22.99
N HIS A 5 15.29 -17.12 22.12
CA HIS A 5 15.15 -17.36 20.69
C HIS A 5 15.39 -18.85 20.47
N ASP A 6 15.00 -19.38 19.31
CA ASP A 6 15.23 -20.79 19.02
C ASP A 6 16.72 -21.07 19.11
N PRO A 7 17.10 -22.29 19.52
CA PRO A 7 18.51 -22.65 19.65
C PRO A 7 19.36 -22.41 18.40
N ASP A 8 18.70 -22.16 17.29
CA ASP A 8 19.39 -21.90 16.03
C ASP A 8 20.09 -20.54 16.02
N PHE A 9 19.60 -19.63 16.86
CA PHE A 9 20.18 -18.28 16.92
C PHE A 9 21.14 -18.06 18.07
N ILE A 10 21.17 -19.00 19.02
CA ILE A 10 22.06 -18.87 20.16
C ILE A 10 23.48 -18.55 19.71
N GLY A 11 24.04 -17.47 20.26
CA GLY A 11 25.38 -17.07 19.89
C GLY A 11 25.42 -16.24 18.62
N GLY A 12 24.26 -16.01 18.01
CA GLY A 12 24.22 -15.23 16.79
C GLY A 12 23.59 -13.86 16.94
N ILE A 13 23.37 -13.44 18.19
CA ILE A 13 22.74 -12.16 18.47
C ILE A 13 23.72 -11.15 19.09
N GLY A 14 23.68 -9.93 18.59
CA GLY A 14 24.52 -8.86 19.11
C GLY A 14 26.03 -9.05 19.08
N LYS A 15 26.53 -9.86 18.15
CA LYS A 15 27.96 -10.11 18.04
C LYS A 15 28.52 -9.53 16.73
N GLU A 16 29.85 -9.46 16.63
CA GLU A 16 30.46 -8.98 15.39
C GLU A 16 30.18 -10.13 14.42
N LEU A 17 29.43 -9.86 13.35
CA LEU A 17 29.06 -10.91 12.39
C LEU A 17 30.13 -11.37 11.42
N ILE A 18 30.78 -10.43 10.76
CA ILE A 18 31.80 -10.76 9.77
C ILE A 18 33.16 -10.17 10.14
N VAL A 19 34.15 -11.05 10.30
CA VAL A 19 35.49 -10.61 10.64
C VAL A 19 36.35 -10.89 9.43
N ASP A 20 36.93 -9.83 8.86
CA ASP A 20 37.77 -9.97 7.68
C ASP A 20 38.69 -8.77 7.52
N ASN A 21 39.96 -9.04 7.20
CA ASN A 21 40.96 -7.99 7.04
C ASN A 21 41.46 -7.87 5.60
N ALA A 22 41.10 -8.84 4.77
CA ALA A 22 41.53 -8.85 3.38
C ALA A 22 40.43 -8.42 2.42
N SER A 23 39.40 -9.26 2.33
CA SER A 23 38.26 -9.03 1.44
C SER A 23 37.75 -7.59 1.44
N ASP A 24 37.49 -7.06 0.26
CA ASP A 24 36.96 -5.72 0.12
C ASP A 24 35.64 -5.74 0.87
N VAL A 25 35.46 -4.79 1.78
CA VAL A 25 34.25 -4.72 2.57
C VAL A 25 32.99 -4.75 1.71
N THR A 26 32.96 -3.93 0.67
CA THR A 26 31.80 -3.86 -0.20
C THR A 26 31.62 -5.06 -1.12
N SER A 27 32.45 -6.09 -0.93
CA SER A 27 32.29 -7.30 -1.74
C SER A 27 31.10 -8.06 -1.12
N PHE A 28 30.74 -7.69 0.10
CA PHE A 28 29.59 -8.31 0.76
C PHE A 28 28.41 -7.43 0.36
N TYR A 29 27.25 -8.03 0.13
CA TYR A 29 26.09 -7.29 -0.30
C TYR A 29 24.79 -7.99 0.06
N PRO A 30 23.68 -7.23 0.08
CA PRO A 30 22.38 -7.82 0.41
C PRO A 30 21.78 -8.57 -0.78
N SER A 31 21.08 -9.67 -0.50
CA SER A 31 20.43 -10.43 -1.56
C SER A 31 19.07 -9.78 -1.76
N ALA A 32 18.16 -10.49 -2.43
CA ALA A 32 16.81 -9.97 -2.62
C ALA A 32 16.11 -10.09 -1.27
N PHE A 33 15.00 -9.37 -1.10
CA PHE A 33 14.26 -9.38 0.16
C PHE A 33 13.70 -10.74 0.55
N GLN A 34 14.56 -11.58 1.09
CA GLN A 34 14.21 -12.93 1.53
C GLN A 34 12.75 -13.12 1.92
N GLU A 35 12.23 -12.25 2.78
CA GLU A 35 10.83 -12.38 3.20
C GLU A 35 10.18 -11.07 3.64
N HIS A 36 8.86 -11.15 3.79
CA HIS A 36 8.03 -10.04 4.24
C HIS A 36 7.47 -10.51 5.58
N LEU A 37 8.21 -10.22 6.65
CA LEU A 37 7.81 -10.61 8.00
C LEU A 37 6.44 -10.05 8.36
N ASN A 38 5.74 -10.71 9.28
CA ASN A 38 4.41 -10.26 9.66
C ASN A 38 4.29 -9.83 11.12
N PHE A 39 5.40 -9.78 11.85
CA PHE A 39 5.34 -9.42 13.27
C PHE A 39 4.93 -7.98 13.56
N ILE A 40 5.08 -7.08 12.58
CA ILE A 40 4.69 -5.69 12.81
C ILE A 40 3.25 -5.47 12.36
N PRO A 41 2.38 -5.04 13.29
CA PRO A 41 0.97 -4.81 12.96
C PRO A 41 0.79 -3.68 11.95
N ALA A 42 -0.22 -3.80 11.11
CA ALA A 42 -0.53 -2.78 10.11
C ALA A 42 -1.27 -1.67 10.84
N PRO A 43 -1.53 -0.54 10.16
CA PRO A 43 -2.25 0.53 10.86
C PRO A 43 -3.60 -0.05 11.31
N THR A 44 -4.20 0.52 12.34
CA THR A 44 -5.48 0.01 12.81
C THR A 44 -6.61 0.32 11.83
N THR A 45 -6.46 1.41 11.09
CA THR A 45 -7.45 1.84 10.10
C THR A 45 -6.84 1.92 8.69
N GLY A 46 -7.69 1.89 7.67
CA GLY A 46 -7.20 1.97 6.30
C GLY A 46 -6.78 3.38 5.91
N SER A 47 -7.17 4.36 6.69
CA SER A 47 -6.83 5.74 6.40
C SER A 47 -5.83 6.31 7.40
N GLY A 48 -5.36 5.47 8.32
CA GLY A 48 -4.40 5.93 9.31
C GLY A 48 -2.98 5.51 8.97
N CYS A 49 -2.08 5.55 9.94
CA CYS A 49 -0.70 5.16 9.69
C CYS A 49 0.00 4.64 10.92
N THR A 50 1.16 4.03 10.70
CA THR A 50 2.02 3.55 11.76
C THR A 50 3.32 4.26 11.41
N ARG A 51 3.97 4.83 12.42
CA ARG A 51 5.18 5.61 12.20
C ARG A 51 6.13 5.59 13.39
N ILE A 52 7.31 6.17 13.19
CA ILE A 52 8.33 6.29 14.22
C ILE A 52 8.62 4.96 14.91
N PRO A 53 9.26 4.03 14.17
CA PRO A 53 9.62 2.71 14.68
C PRO A 53 10.88 2.71 15.53
N SER A 54 10.91 1.81 16.51
CA SER A 54 12.09 1.66 17.36
C SER A 54 12.24 0.15 17.57
N PHE A 55 13.49 -0.33 17.55
CA PHE A 55 13.75 -1.75 17.68
C PHE A 55 15.10 -2.02 18.35
N ASP A 56 15.13 -3.05 19.19
CA ASP A 56 16.36 -3.44 19.85
C ASP A 56 16.20 -4.92 20.22
N MET A 57 17.28 -5.67 20.08
CA MET A 57 17.26 -7.10 20.37
C MET A 57 18.46 -7.57 21.17
N SER A 58 18.20 -8.30 22.25
CA SER A 58 19.27 -8.83 23.08
C SER A 58 19.38 -10.32 22.84
N ALA A 59 20.26 -10.98 23.57
CA ALA A 59 20.49 -12.41 23.40
C ALA A 59 19.28 -13.32 23.55
N THR A 60 18.24 -12.86 24.24
CA THR A 60 17.08 -13.73 24.43
C THR A 60 15.77 -13.29 23.81
N HIS A 61 15.62 -11.98 23.57
CA HIS A 61 14.38 -11.47 23.00
C HIS A 61 14.58 -10.14 22.27
N TYR A 62 13.57 -9.75 21.49
CA TYR A 62 13.62 -8.46 20.79
C TYR A 62 12.48 -7.60 21.31
N CYS A 63 12.62 -6.30 21.13
CA CYS A 63 11.63 -5.33 21.55
C CYS A 63 11.33 -4.43 20.36
N TYR A 64 10.05 -4.08 20.19
CA TYR A 64 9.66 -3.25 19.08
C TYR A 64 8.53 -2.32 19.49
N THR A 65 8.52 -1.11 18.93
CA THR A 65 7.45 -0.18 19.23
C THR A 65 7.24 0.81 18.08
N HIS A 66 6.00 1.26 17.91
CA HIS A 66 5.69 2.27 16.91
C HIS A 66 4.46 3.07 17.31
N ASN A 67 4.30 4.24 16.71
CA ASN A 67 3.19 5.12 17.01
C ASN A 67 2.08 4.93 15.98
N VAL A 68 0.84 4.96 16.43
CA VAL A 68 -0.32 4.75 15.56
C VAL A 68 -1.24 5.95 15.51
N ILE A 69 -1.62 6.34 14.30
CA ILE A 69 -2.54 7.46 14.07
C ILE A 69 -3.78 6.88 13.43
N LEU A 70 -4.96 7.26 13.90
CA LEU A 70 -6.22 6.74 13.35
C LEU A 70 -6.64 7.33 12.02
N SER A 71 -6.50 8.64 11.86
CA SER A 71 -6.88 9.29 10.62
C SER A 71 -5.73 10.13 10.09
N GLY A 72 -5.22 9.75 8.92
CA GLY A 72 -4.10 10.48 8.35
C GLY A 72 -2.83 10.12 9.12
N CYS A 73 -1.83 10.99 9.08
CA CYS A 73 -0.58 10.73 9.79
C CYS A 73 -0.03 12.04 10.34
N ARG A 74 -0.90 13.04 10.48
CA ARG A 74 -0.46 14.33 10.98
C ARG A 74 0.15 14.20 12.37
N ASP A 75 1.42 14.58 12.48
CA ASP A 75 2.17 14.51 13.73
C ASP A 75 1.56 15.32 14.86
N HIS A 76 0.28 15.66 14.70
CA HIS A 76 -0.44 16.46 15.69
C HIS A 76 -1.59 15.66 16.32
N SER A 77 -2.44 15.09 15.47
CA SER A 77 -3.59 14.30 15.91
C SER A 77 -3.28 13.32 17.04
N HIS A 78 -4.30 12.96 17.80
CA HIS A 78 -4.19 12.02 18.91
C HIS A 78 -3.61 10.71 18.41
N SER A 79 -2.77 10.07 19.23
CA SER A 79 -2.14 8.81 18.84
C SER A 79 -1.84 7.88 20.00
N HIS A 80 -1.81 6.58 19.70
CA HIS A 80 -1.49 5.59 20.72
C HIS A 80 -0.20 4.87 20.34
N GLN A 81 0.52 4.40 21.35
CA GLN A 81 1.79 3.72 21.16
C GLN A 81 1.60 2.20 21.28
N TYR A 82 2.14 1.47 20.32
CA TYR A 82 2.08 0.02 20.30
C TYR A 82 3.47 -0.47 20.71
N LEU A 83 3.52 -1.41 21.66
CA LEU A 83 4.79 -1.93 22.18
C LEU A 83 4.75 -3.46 22.23
N ALA A 84 5.82 -4.10 21.75
CA ALA A 84 5.87 -5.55 21.71
C ALA A 84 7.17 -6.21 22.14
N LEU A 85 7.03 -7.41 22.71
CA LEU A 85 8.14 -8.25 23.17
C LEU A 85 8.01 -9.55 22.40
N GLY A 86 9.10 -10.03 21.81
CA GLY A 86 9.04 -11.27 21.06
C GLY A 86 10.38 -11.98 21.00
N VAL A 87 10.45 -13.03 20.18
CA VAL A 87 11.69 -13.78 20.03
C VAL A 87 11.85 -14.26 18.59
N LEU A 88 13.08 -14.57 18.20
CA LEU A 88 13.39 -15.06 16.87
C LEU A 88 13.15 -16.57 16.82
N ARG A 89 12.60 -17.05 15.72
CA ARG A 89 12.33 -18.47 15.58
C ARG A 89 12.48 -18.94 14.14
N THR A 90 12.38 -20.24 13.94
CA THR A 90 12.50 -20.84 12.61
C THR A 90 11.52 -22.01 12.52
N THR A 91 10.94 -22.18 11.35
CA THR A 91 10.00 -23.28 11.13
C THR A 91 10.87 -24.52 10.88
N ALA A 92 10.23 -25.67 10.67
CA ALA A 92 10.97 -26.90 10.42
C ALA A 92 11.79 -26.74 9.14
N THR A 93 11.24 -26.00 8.18
CA THR A 93 11.91 -25.75 6.90
C THR A 93 13.15 -24.90 7.12
N GLY A 94 13.16 -24.16 8.22
CA GLY A 94 14.28 -23.29 8.50
C GLY A 94 13.95 -21.86 8.17
N ARG A 95 12.66 -21.59 7.95
CA ARG A 95 12.22 -20.24 7.63
C ARG A 95 12.24 -19.37 8.87
N ILE A 96 12.95 -18.25 8.77
CA ILE A 96 13.08 -17.31 9.88
C ILE A 96 11.84 -16.45 10.08
N PHE A 97 11.40 -16.31 11.32
CA PHE A 97 10.27 -15.46 11.61
C PHE A 97 10.34 -14.87 13.01
N PHE A 98 9.80 -13.67 13.14
CA PHE A 98 9.79 -12.99 14.42
C PHE A 98 8.45 -13.25 15.07
N SER A 99 8.49 -13.89 16.23
CA SER A 99 7.27 -14.24 16.95
C SER A 99 7.05 -13.32 18.15
N THR A 100 5.97 -12.56 18.12
CA THR A 100 5.65 -11.65 19.21
C THR A 100 4.91 -12.41 20.31
N LEU A 101 5.46 -12.37 21.52
CA LEU A 101 4.89 -13.08 22.65
C LEU A 101 3.99 -12.22 23.51
N ARG A 102 4.35 -10.95 23.67
CA ARG A 102 3.56 -10.01 24.46
C ARG A 102 3.50 -8.68 23.72
N SER A 103 2.37 -8.01 23.80
CA SER A 103 2.22 -6.71 23.17
C SER A 103 1.13 -5.96 23.88
N ILE A 104 1.15 -4.65 23.74
CA ILE A 104 0.16 -3.81 24.37
C ILE A 104 0.02 -2.54 23.57
N SER A 105 -1.20 -2.03 23.50
CA SER A 105 -1.48 -0.80 22.80
C SER A 105 -1.90 0.19 23.86
N LEU A 106 -1.01 1.12 24.19
CA LEU A 106 -1.30 2.11 25.20
C LEU A 106 -2.27 3.13 24.64
N ASP A 107 -3.53 3.02 25.05
CA ASP A 107 -4.55 3.94 24.55
C ASP A 107 -5.22 4.73 25.66
N ASP A 108 -4.43 5.55 26.34
CA ASP A 108 -4.94 6.40 27.40
C ASP A 108 -4.94 7.81 26.82
N THR A 109 -5.18 8.82 27.65
CA THR A 109 -5.23 10.19 27.15
C THR A 109 -3.89 10.91 27.07
N GLN A 110 -2.82 10.23 27.48
CA GLN A 110 -1.49 10.83 27.42
C GLN A 110 -0.89 10.67 26.03
N ASN A 111 -0.26 11.74 25.54
CA ASN A 111 0.34 11.73 24.21
C ASN A 111 1.83 11.40 24.27
N ARG A 112 2.17 10.12 24.28
CA ARG A 112 3.58 9.71 24.30
C ARG A 112 4.14 9.99 22.91
N LYS A 113 5.37 10.50 22.85
CA LYS A 113 5.95 10.85 21.58
C LYS A 113 7.45 10.56 21.49
N SER A 114 7.91 10.28 20.27
CA SER A 114 9.32 10.03 19.98
C SER A 114 9.92 8.93 20.85
N CYS A 115 9.16 7.88 21.11
CA CYS A 115 9.61 6.78 21.96
C CYS A 115 10.68 5.87 21.39
N SER A 116 11.59 5.45 22.26
CA SER A 116 12.69 4.54 21.94
C SER A 116 12.49 3.31 22.81
N VAL A 117 12.93 2.13 22.33
CA VAL A 117 12.80 0.91 23.10
C VAL A 117 14.16 0.22 23.26
N SER A 118 14.29 -0.59 24.30
CA SER A 118 15.52 -1.33 24.55
C SER A 118 15.18 -2.67 25.18
N ALA A 119 15.87 -3.72 24.76
CA ALA A 119 15.65 -5.07 25.28
C ALA A 119 16.53 -5.27 26.52
N THR A 120 15.90 -5.30 27.70
CA THR A 120 16.64 -5.49 28.94
C THR A 120 16.32 -6.87 29.53
N PRO A 121 17.08 -7.30 30.53
CA PRO A 121 16.82 -8.62 31.13
C PRO A 121 15.41 -8.76 31.71
N LEU A 122 14.75 -7.63 31.97
CA LEU A 122 13.40 -7.69 32.53
C LEU A 122 12.30 -7.55 31.48
N GLY A 123 12.69 -7.40 30.22
CA GLY A 123 11.70 -7.28 29.16
C GLY A 123 12.00 -6.18 28.16
N CYS A 124 11.02 -5.32 27.92
CA CYS A 124 11.18 -4.22 26.97
C CYS A 124 10.98 -2.87 27.61
N ASP A 125 12.08 -2.15 27.79
CA ASP A 125 12.06 -0.82 28.39
C ASP A 125 11.78 0.24 27.34
N MET A 126 10.90 1.18 27.66
CA MET A 126 10.56 2.23 26.73
C MET A 126 10.73 3.61 27.35
N LEU A 127 11.35 4.51 26.61
CA LEU A 127 11.53 5.88 27.07
C LEU A 127 10.69 6.74 26.13
N CYS A 128 9.82 7.57 26.68
CA CYS A 128 8.98 8.42 25.83
C CYS A 128 8.91 9.81 26.40
N SER A 129 8.47 10.74 25.56
CA SER A 129 8.24 12.09 26.02
C SER A 129 6.72 12.15 26.03
N LYS A 130 6.14 12.97 26.90
CA LYS A 130 4.69 13.14 26.96
C LYS A 130 4.48 14.63 26.75
N VAL A 131 3.83 14.99 25.65
CA VAL A 131 3.63 16.40 25.32
C VAL A 131 2.21 16.81 24.97
N THR A 132 1.90 18.07 25.23
CA THR A 132 0.60 18.63 24.93
C THR A 132 0.78 19.88 24.07
N GLU A 133 1.85 19.90 23.28
CA GLU A 133 2.16 21.02 22.41
C GLU A 133 3.08 20.60 21.27
N THR A 134 3.13 21.40 20.21
CA THR A 134 3.98 21.10 19.07
C THR A 134 5.44 21.21 19.47
N GLU A 135 6.33 20.69 18.63
CA GLU A 135 7.74 20.76 18.90
C GLU A 135 8.16 22.22 19.00
N GLU A 136 7.68 23.03 18.06
CA GLU A 136 7.99 24.46 18.05
C GLU A 136 7.59 25.13 19.36
N GLU A 137 6.38 24.83 19.83
CA GLU A 137 5.89 25.40 21.07
C GLU A 137 6.71 24.94 22.28
N ASP A 138 7.14 23.68 22.25
CA ASP A 138 7.92 23.12 23.34
C ASP A 138 9.21 23.92 23.51
N TYR A 139 9.97 24.05 22.43
CA TYR A 139 11.22 24.79 22.46
C TYR A 139 11.02 26.23 22.95
N ASN A 140 9.86 26.80 22.66
CA ASN A 140 9.58 28.17 23.08
C ASN A 140 9.08 28.20 24.52
N SER A 141 8.87 27.02 25.09
CA SER A 141 8.41 26.86 26.46
C SER A 141 9.64 26.61 27.32
N ALA A 142 9.88 27.49 28.30
CA ALA A 142 11.03 27.36 29.17
C ALA A 142 11.15 26.03 29.94
N VAL A 143 10.02 25.47 30.37
CA VAL A 143 10.07 24.21 31.12
C VAL A 143 10.40 23.00 30.23
N PRO A 144 11.06 21.99 30.81
CA PRO A 144 11.45 20.76 30.11
C PRO A 144 10.24 19.96 29.63
N THR A 145 10.50 18.98 28.76
CA THR A 145 9.44 18.13 28.24
C THR A 145 9.29 16.97 29.21
N LEU A 146 8.06 16.58 29.53
CA LEU A 146 7.86 15.46 30.44
C LEU A 146 8.35 14.18 29.76
N MET A 147 8.91 13.28 30.54
CA MET A 147 9.39 12.02 30.02
C MET A 147 9.05 10.91 31.01
N ALA A 148 8.85 9.71 30.49
CA ALA A 148 8.52 8.56 31.31
C ALA A 148 9.34 7.35 30.88
N HIS A 149 9.60 6.46 31.84
CA HIS A 149 10.33 5.23 31.62
C HIS A 149 9.33 4.12 31.89
N GLY A 150 9.06 3.30 30.89
CA GLY A 150 8.12 2.22 31.06
C GLY A 150 8.73 0.89 30.68
N ARG A 151 8.02 -0.19 30.98
CA ARG A 151 8.50 -1.51 30.64
C ARG A 151 7.39 -2.52 30.41
N LEU A 152 7.54 -3.30 29.34
CA LEU A 152 6.59 -4.37 29.03
C LEU A 152 7.36 -5.59 29.52
N GLY A 153 6.87 -6.22 30.58
CA GLY A 153 7.55 -7.40 31.10
C GLY A 153 7.16 -8.68 30.40
N PHE A 154 7.96 -9.73 30.60
CA PHE A 154 7.71 -11.02 30.00
C PHE A 154 6.32 -11.53 30.38
N ASP A 155 5.78 -11.03 31.49
CA ASP A 155 4.47 -11.47 31.93
C ASP A 155 3.32 -10.76 31.22
N GLY A 156 3.65 -9.85 30.31
CA GLY A 156 2.61 -9.15 29.57
C GLY A 156 2.12 -7.88 30.24
N GLN A 157 2.63 -7.59 31.43
CA GLN A 157 2.21 -6.39 32.13
C GLN A 157 3.09 -5.19 31.80
N TYR A 158 2.48 -4.02 31.77
CA TYR A 158 3.20 -2.80 31.48
C TYR A 158 3.12 -1.83 32.66
N HIS A 159 4.28 -1.38 33.11
CA HIS A 159 4.38 -0.44 34.22
C HIS A 159 5.17 0.77 33.71
N GLU A 160 4.86 1.94 34.23
CA GLU A 160 5.52 3.16 33.78
C GLU A 160 5.65 4.16 34.92
N LYS A 161 6.73 4.94 34.89
CA LYS A 161 7.00 5.95 35.90
C LYS A 161 7.51 7.22 35.24
N ASP A 162 6.87 8.35 35.54
CA ASP A 162 7.33 9.62 34.96
C ASP A 162 8.61 10.06 35.65
N LEU A 163 9.57 10.51 34.85
CA LEU A 163 10.84 10.96 35.39
C LEU A 163 10.69 12.39 35.89
N ASP A 164 11.50 12.77 36.87
CA ASP A 164 11.45 14.13 37.43
C ASP A 164 12.25 15.06 36.52
N VAL A 165 11.68 15.40 35.36
CA VAL A 165 12.36 16.25 34.40
C VAL A 165 12.70 17.65 34.90
N THR A 166 11.90 18.18 35.82
CA THR A 166 12.14 19.51 36.37
C THR A 166 13.57 19.59 36.92
N THR A 167 14.06 18.46 37.42
CA THR A 167 15.41 18.42 37.95
C THR A 167 16.38 17.77 36.96
N LEU A 168 16.01 16.61 36.43
CA LEU A 168 16.86 15.88 35.50
C LEU A 168 17.19 16.67 34.23
N PHE A 169 16.22 17.42 33.74
CA PHE A 169 16.39 18.23 32.53
C PHE A 169 16.16 19.71 32.83
N GLU A 170 16.61 20.15 34.01
CA GLU A 170 16.44 21.55 34.38
C GLU A 170 17.07 22.54 33.41
N ASP A 171 18.15 22.14 32.75
CA ASP A 171 18.84 23.02 31.81
C ASP A 171 18.28 22.95 30.38
N TRP A 172 17.15 22.28 30.21
CA TRP A 172 16.57 22.10 28.89
C TRP A 172 15.21 22.76 28.68
N VAL A 173 14.94 23.21 27.46
CA VAL A 173 13.64 23.80 27.15
C VAL A 173 12.79 22.74 26.45
N ALA A 174 13.45 21.73 25.90
CA ALA A 174 12.76 20.63 25.20
C ALA A 174 13.68 19.43 25.18
N ASN A 175 13.09 18.23 25.27
CA ASN A 175 13.88 17.00 25.29
C ASN A 175 13.04 15.81 24.86
N TYR A 176 13.60 14.99 23.99
CA TYR A 176 12.92 13.80 23.46
C TYR A 176 13.87 12.63 23.29
N PRO A 177 13.34 11.40 23.32
CA PRO A 177 14.21 10.23 23.15
C PRO A 177 14.59 10.28 21.66
N GLY A 178 15.68 9.61 21.28
CA GLY A 178 16.11 9.66 19.89
C GLY A 178 15.39 8.75 18.91
N VAL A 179 14.35 8.06 19.39
CA VAL A 179 13.55 7.14 18.59
C VAL A 179 14.28 5.83 18.33
N GLY A 180 15.55 5.90 17.95
CA GLY A 180 16.31 4.70 17.71
C GLY A 180 16.38 3.90 19.01
N GLY A 181 16.67 2.62 18.90
CA GLY A 181 16.73 1.79 20.09
C GLY A 181 17.75 2.21 21.13
N GLY A 182 17.51 1.76 22.36
CA GLY A 182 18.42 2.03 23.46
C GLY A 182 19.14 0.72 23.69
N SER A 183 20.11 0.70 24.60
CA SER A 183 20.84 -0.53 24.83
C SER A 183 21.12 -0.80 26.31
N PHE A 184 21.11 -2.08 26.69
CA PHE A 184 21.38 -2.49 28.08
C PHE A 184 22.88 -2.68 28.23
N ILE A 185 23.48 -1.93 29.15
CA ILE A 185 24.92 -2.00 29.39
C ILE A 185 25.24 -1.83 30.89
N ASP A 186 26.01 -2.75 31.44
CA ASP A 186 26.41 -2.68 32.84
C ASP A 186 25.30 -2.40 33.85
N GLY A 187 24.21 -3.16 33.77
CA GLY A 187 23.11 -3.00 34.72
C GLY A 187 22.13 -1.87 34.46
N ARG A 188 22.37 -1.04 33.46
CA ARG A 188 21.46 0.05 33.17
C ARG A 188 21.10 0.12 31.70
N VAL A 189 20.04 0.85 31.41
CA VAL A 189 19.57 1.00 30.04
C VAL A 189 19.99 2.39 29.57
N TRP A 190 20.52 2.46 28.35
CA TRP A 190 21.01 3.72 27.81
C TRP A 190 20.22 4.16 26.60
N PHE A 191 19.78 5.41 26.62
CA PHE A 191 18.98 5.99 25.53
C PHE A 191 19.57 7.28 25.00
N SER A 192 19.65 7.43 23.67
CA SER A 192 20.15 8.68 23.13
C SER A 192 18.98 9.64 23.32
N VAL A 193 19.28 10.90 23.58
CA VAL A 193 18.25 11.91 23.79
C VAL A 193 18.71 13.21 23.13
N TYR A 194 17.78 14.05 22.71
CA TYR A 194 18.14 15.32 22.10
C TYR A 194 17.06 16.34 22.38
N GLY A 195 17.38 17.61 22.20
CA GLY A 195 16.42 18.67 22.46
C GLY A 195 17.13 20.02 22.46
N GLY A 196 16.55 21.00 23.15
CA GLY A 196 17.17 22.31 23.21
C GLY A 196 17.56 22.73 24.62
N LEU A 197 18.66 23.47 24.74
CA LEU A 197 19.12 23.92 26.05
C LEU A 197 18.65 25.33 26.39
N LYS A 198 18.40 25.57 27.67
CA LYS A 198 18.00 26.89 28.13
C LYS A 198 19.24 27.77 27.98
N PRO A 199 19.08 28.95 27.35
CA PRO A 199 20.23 29.83 27.18
C PRO A 199 20.79 30.25 28.54
N ASN A 200 22.12 30.28 28.65
CA ASN A 200 22.79 30.70 29.88
C ASN A 200 22.71 29.70 31.04
N SER A 201 22.12 28.53 30.81
CA SER A 201 22.05 27.52 31.86
C SER A 201 23.46 26.94 31.96
N PRO A 202 23.77 26.21 33.04
CA PRO A 202 25.11 25.63 33.16
C PRO A 202 25.49 24.74 31.97
N SER A 203 24.54 23.93 31.52
CA SER A 203 24.79 23.03 30.40
C SER A 203 25.10 23.81 29.14
N ASP A 204 24.37 24.91 28.93
CA ASP A 204 24.58 25.73 27.75
C ASP A 204 25.90 26.48 27.81
N THR A 205 26.26 26.94 29.01
CA THR A 205 27.49 27.68 29.21
C THR A 205 28.73 26.86 28.87
N VAL A 206 28.71 25.59 29.29
CA VAL A 206 29.82 24.69 29.03
C VAL A 206 29.97 24.39 27.53
N GLN A 207 28.88 24.47 26.77
CA GLN A 207 28.94 24.22 25.32
C GLN A 207 29.24 25.48 24.51
N GLU A 208 29.08 26.64 25.13
CA GLU A 208 29.36 27.92 24.47
C GLU A 208 30.69 27.85 23.72
N GLY A 209 30.64 28.14 22.42
CA GLY A 209 31.87 28.12 21.62
C GLY A 209 32.40 26.77 21.17
N LYS A 210 31.82 25.67 21.65
CA LYS A 210 32.30 24.35 21.25
C LYS A 210 31.69 23.92 19.91
N TYR A 211 32.49 23.23 19.11
CA TYR A 211 32.02 22.78 17.80
C TYR A 211 33.03 21.78 17.26
N VAL A 212 32.65 21.10 16.19
CA VAL A 212 33.56 20.16 15.55
C VAL A 212 33.19 20.08 14.08
N ILE A 213 34.20 19.98 13.23
CA ILE A 213 33.97 19.89 11.80
C ILE A 213 34.41 18.53 11.29
N TYR A 214 33.48 17.82 10.68
CA TYR A 214 33.80 16.52 10.11
C TYR A 214 33.78 16.72 8.61
N LYS A 215 34.85 16.30 7.95
CA LYS A 215 34.99 16.47 6.52
C LYS A 215 34.67 15.22 5.73
N ARG A 216 34.20 15.43 4.51
CA ARG A 216 33.86 14.34 3.62
C ARG A 216 35.12 13.81 2.94
N TYR A 217 35.20 12.49 2.81
CA TYR A 217 36.33 11.84 2.16
C TYR A 217 36.54 12.45 0.78
N ASN A 218 37.75 12.94 0.53
CA ASN A 218 38.11 13.54 -0.75
C ASN A 218 37.03 14.41 -1.37
N ASP A 219 36.56 15.35 -0.58
CA ASP A 219 35.52 16.27 -1.00
C ASP A 219 35.64 17.41 0.00
N THR A 220 36.80 18.05 -0.02
CA THR A 220 37.11 19.14 0.89
C THR A 220 36.31 20.41 0.62
N CYS A 221 35.86 21.05 1.70
CA CYS A 221 35.10 22.29 1.59
C CYS A 221 36.05 23.41 1.20
N PRO A 222 35.73 24.16 0.13
CA PRO A 222 36.57 25.26 -0.35
C PRO A 222 36.55 26.54 0.48
N ASP A 223 35.58 26.69 1.37
CA ASP A 223 35.47 27.88 2.20
C ASP A 223 36.72 28.13 3.05
N GLU A 224 37.01 29.40 3.32
CA GLU A 224 38.15 29.76 4.14
C GLU A 224 37.85 29.25 5.56
N GLN A 225 38.89 28.84 6.28
CA GLN A 225 38.74 28.32 7.64
C GLN A 225 37.90 29.18 8.58
N ASP A 226 38.24 30.47 8.67
CA ASP A 226 37.50 31.39 9.52
C ASP A 226 36.00 31.26 9.30
N TYR A 227 35.60 31.23 8.03
CA TYR A 227 34.20 31.12 7.67
C TYR A 227 33.62 29.76 8.07
N GLN A 228 34.37 28.69 7.83
CA GLN A 228 33.89 27.35 8.19
C GLN A 228 33.64 27.22 9.69
N ILE A 229 34.57 27.75 10.48
CA ILE A 229 34.44 27.67 11.93
C ILE A 229 33.21 28.43 12.41
N ARG A 230 32.96 29.60 11.82
CA ARG A 230 31.81 30.40 12.19
C ARG A 230 30.52 29.67 11.85
N MET A 231 30.49 29.00 10.71
CA MET A 231 29.29 28.27 10.30
C MET A 231 29.10 27.04 11.20
N ALA A 232 30.18 26.33 11.49
CA ALA A 232 30.10 25.15 12.32
C ALA A 232 29.53 25.53 13.69
N LYS A 233 30.03 26.62 14.26
CA LYS A 233 29.56 27.07 15.55
C LYS A 233 28.08 27.40 15.51
N SER A 234 27.64 28.08 14.46
CA SER A 234 26.23 28.45 14.36
C SER A 234 25.32 27.27 14.01
N SER A 235 25.88 26.15 13.57
CA SER A 235 25.07 24.98 13.22
C SER A 235 24.39 24.37 14.46
N TYR A 236 24.89 24.71 15.64
CA TYR A 236 24.31 24.18 16.87
C TYR A 236 23.15 25.03 17.34
N LYS A 237 22.98 26.19 16.71
CA LYS A 237 21.90 27.10 17.04
C LYS A 237 21.16 27.50 15.77
N PRO A 238 20.53 26.52 15.09
CA PRO A 238 19.79 26.78 13.86
C PRO A 238 18.58 27.68 14.06
N GLY A 239 18.16 28.35 13.00
CA GLY A 239 17.02 29.24 13.07
C GLY A 239 15.68 28.56 13.32
N ARG A 240 15.55 27.31 12.91
CA ARG A 240 14.29 26.58 13.09
C ARG A 240 13.71 26.66 14.50
N PHE A 241 14.55 26.70 15.52
CA PHE A 241 14.05 26.78 16.89
C PHE A 241 14.50 28.02 17.66
N GLY A 242 14.63 29.12 16.93
CA GLY A 242 14.97 30.40 17.52
C GLY A 242 16.35 30.65 18.13
N GLY A 243 17.36 29.90 17.69
CA GLY A 243 18.69 30.12 18.23
C GLY A 243 19.00 29.31 19.48
N LYS A 244 18.09 28.42 19.88
CA LYS A 244 18.33 27.58 21.04
C LYS A 244 19.38 26.55 20.61
N ARG A 245 20.28 26.17 21.50
CA ARG A 245 21.29 25.17 21.15
C ARG A 245 20.62 23.79 21.13
N ILE A 246 20.69 23.10 19.99
CA ILE A 246 20.09 21.78 19.86
C ILE A 246 21.19 20.82 20.27
N GLN A 247 20.98 20.16 21.41
CA GLN A 247 21.98 19.32 22.02
C GLN A 247 21.78 17.82 22.02
N GLN A 248 22.89 17.11 21.84
CA GLN A 248 22.90 15.66 21.87
C GLN A 248 23.19 15.24 23.32
N ALA A 249 22.52 14.20 23.80
CA ALA A 249 22.76 13.73 25.17
C ALA A 249 22.48 12.24 25.28
N ILE A 250 22.84 11.69 26.43
CA ILE A 250 22.62 10.27 26.68
C ILE A 250 22.09 10.12 28.09
N LEU A 251 20.99 9.39 28.22
CA LEU A 251 20.38 9.14 29.52
C LEU A 251 20.49 7.66 29.85
N SER A 252 21.01 7.36 31.04
CA SER A 252 21.12 5.97 31.47
C SER A 252 20.22 5.84 32.69
N ILE A 253 19.60 4.68 32.83
CA ILE A 253 18.72 4.41 33.95
C ILE A 253 19.01 3.03 34.49
N LYS A 254 18.98 2.89 35.81
CA LYS A 254 19.23 1.59 36.42
C LYS A 254 18.07 0.67 36.08
N VAL A 255 18.39 -0.52 35.60
CA VAL A 255 17.34 -1.48 35.28
C VAL A 255 17.00 -2.26 36.55
N SER A 256 15.77 -2.11 37.02
CA SER A 256 15.29 -2.81 38.21
C SER A 256 13.77 -2.82 38.19
N THR A 257 13.18 -3.45 39.19
CA THR A 257 11.74 -3.53 39.29
C THR A 257 11.15 -2.12 39.50
N SER A 258 11.99 -1.18 39.88
CA SER A 258 11.57 0.20 40.05
C SER A 258 11.91 0.97 38.77
N LEU A 259 10.90 1.48 38.09
CA LEU A 259 11.13 2.23 36.86
C LEU A 259 11.65 3.63 37.16
N GLY A 260 12.45 4.18 36.23
CA GLY A 260 13.00 5.50 36.41
C GLY A 260 13.99 5.59 37.56
N GLU A 261 14.53 4.45 37.97
CA GLU A 261 15.46 4.46 39.09
C GLU A 261 16.85 5.00 38.76
N ASP A 262 17.29 5.96 39.57
CA ASP A 262 18.61 6.55 39.46
C ASP A 262 19.03 7.03 38.06
N PRO A 263 18.22 7.90 37.43
CA PRO A 263 18.53 8.42 36.09
C PRO A 263 19.74 9.35 36.08
N VAL A 264 20.58 9.23 35.05
CA VAL A 264 21.75 10.08 34.92
C VAL A 264 21.88 10.54 33.47
N LEU A 265 21.89 11.85 33.27
CA LEU A 265 21.98 12.45 31.95
C LEU A 265 23.39 12.93 31.62
N THR A 266 23.99 12.34 30.58
CA THR A 266 25.32 12.74 30.15
C THR A 266 25.18 13.66 28.94
N VAL A 267 25.91 14.77 28.94
CA VAL A 267 25.88 15.70 27.82
C VAL A 267 27.29 15.77 27.26
N PRO A 268 27.55 15.06 26.15
CA PRO A 268 28.89 15.08 25.55
C PRO A 268 29.25 16.48 25.08
N PRO A 269 30.55 16.81 25.04
CA PRO A 269 31.01 18.12 24.59
C PRO A 269 30.84 18.22 23.08
N ASN A 270 30.51 19.42 22.59
CA ASN A 270 30.30 19.58 21.16
C ASN A 270 31.56 19.69 20.33
N THR A 271 32.69 19.33 20.94
CA THR A 271 33.96 19.27 20.23
C THR A 271 34.03 17.83 19.72
N VAL A 272 33.01 17.04 20.10
CA VAL A 272 32.90 15.64 19.66
C VAL A 272 31.60 15.45 18.89
N THR A 273 30.48 15.84 19.48
CA THR A 273 29.18 15.68 18.84
C THR A 273 28.74 16.87 18.01
N LEU A 274 28.04 16.57 16.90
CA LEU A 274 27.47 17.61 16.05
C LEU A 274 26.14 17.95 16.70
N MET A 275 25.37 18.82 16.05
CA MET A 275 24.07 19.24 16.55
C MET A 275 23.22 18.04 17.00
N GLY A 276 22.53 18.17 18.12
CA GLY A 276 21.70 17.09 18.63
C GLY A 276 20.64 16.64 17.62
N ALA A 277 20.31 15.36 17.65
CA ALA A 277 19.32 14.83 16.73
C ALA A 277 18.89 13.43 17.15
N GLU A 278 17.97 12.86 16.39
CA GLU A 278 17.50 11.50 16.66
C GLU A 278 18.73 10.62 16.60
N GLY A 279 18.66 9.46 17.26
CA GLY A 279 19.79 8.56 17.27
C GLY A 279 19.48 7.22 17.93
N ARG A 280 20.51 6.42 18.14
CA ARG A 280 20.35 5.10 18.72
C ARG A 280 21.62 4.67 19.46
N ILE A 281 21.44 3.87 20.50
CA ILE A 281 22.58 3.36 21.26
C ILE A 281 22.63 1.88 20.89
N LEU A 282 23.73 1.46 20.28
CA LEU A 282 23.86 0.05 19.89
C LEU A 282 25.04 -0.61 20.58
N THR A 283 24.92 -1.93 20.74
CA THR A 283 25.97 -2.74 21.32
C THR A 283 26.17 -3.93 20.40
N VAL A 284 27.39 -4.08 19.91
CA VAL A 284 27.74 -5.18 19.03
C VAL A 284 29.07 -5.70 19.55
N GLY A 285 29.07 -6.94 20.03
CA GLY A 285 30.29 -7.50 20.60
C GLY A 285 30.49 -6.78 21.92
N THR A 286 31.72 -6.35 22.20
CA THR A 286 31.98 -5.63 23.44
C THR A 286 31.99 -4.11 23.20
N SER A 287 31.73 -3.71 21.96
CA SER A 287 31.71 -2.30 21.58
C SER A 287 30.32 -1.68 21.60
N HIS A 288 30.27 -0.38 21.89
CA HIS A 288 29.01 0.35 21.93
C HIS A 288 29.14 1.52 20.97
N PHE A 289 28.02 1.95 20.40
CA PHE A 289 28.01 3.04 19.44
C PHE A 289 26.78 3.90 19.60
N LEU A 290 26.91 5.17 19.22
CA LEU A 290 25.77 6.07 19.23
C LEU A 290 25.60 6.47 17.77
N TYR A 291 24.44 6.16 17.21
CA TYR A 291 24.16 6.58 15.85
C TYR A 291 23.49 7.93 16.04
N GLN A 292 23.84 8.91 15.22
CA GLN A 292 23.24 10.22 15.29
C GLN A 292 22.72 10.57 13.90
N ARG A 293 21.43 10.86 13.80
CA ARG A 293 20.82 11.25 12.54
C ARG A 293 21.55 12.48 12.03
N GLY A 294 21.74 12.55 10.71
CA GLY A 294 22.42 13.70 10.13
C GLY A 294 21.45 14.85 9.93
N SER A 295 20.99 15.45 11.03
CA SER A 295 20.03 16.54 10.92
C SER A 295 20.68 17.88 10.63
N SER A 296 22.00 17.93 10.73
CA SER A 296 22.73 19.17 10.46
C SER A 296 23.35 19.11 9.06
N TYR A 297 24.50 19.74 8.89
CA TYR A 297 25.16 19.80 7.58
C TYR A 297 25.90 18.55 7.14
N PHE A 298 26.20 17.64 8.07
CA PHE A 298 26.94 16.45 7.74
C PHE A 298 26.03 15.33 7.22
N SER A 299 26.29 14.89 5.99
CA SER A 299 25.48 13.86 5.33
C SER A 299 25.82 12.38 5.57
N PRO A 300 27.11 12.01 5.50
CA PRO A 300 27.50 10.60 5.71
C PRO A 300 27.02 10.04 7.05
N ALA A 301 26.63 8.76 7.07
CA ALA A 301 26.16 8.12 8.29
C ALA A 301 27.23 8.14 9.39
N LEU A 302 26.80 8.50 10.60
CA LEU A 302 27.68 8.63 11.75
C LEU A 302 27.52 7.57 12.84
N LEU A 303 28.63 7.05 13.31
CA LEU A 303 28.63 6.09 14.42
C LEU A 303 29.77 6.52 15.35
N TYR A 304 29.41 7.16 16.47
CA TYR A 304 30.37 7.62 17.46
C TYR A 304 30.70 6.46 18.40
N PRO A 305 31.98 6.07 18.52
CA PRO A 305 32.26 4.97 19.44
C PRO A 305 31.83 5.44 20.84
N MET A 306 31.23 4.56 21.63
CA MET A 306 30.79 4.94 22.96
C MET A 306 31.30 3.99 24.05
N THR A 307 31.91 4.57 25.08
CA THR A 307 32.40 3.78 26.21
C THR A 307 31.62 4.27 27.41
N VAL A 308 31.43 3.41 28.40
CA VAL A 308 30.69 3.80 29.58
C VAL A 308 31.46 3.53 30.86
N SER A 309 31.19 4.37 31.86
CA SER A 309 31.84 4.22 33.16
C SER A 309 30.99 4.85 34.25
N ASN A 310 30.51 4.01 35.16
CA ASN A 310 29.69 4.47 36.29
C ASN A 310 28.58 5.48 35.99
N LYS A 311 27.56 5.01 35.28
CA LYS A 311 26.38 5.82 34.95
C LYS A 311 26.53 6.91 33.88
N THR A 312 27.75 7.20 33.47
CA THR A 312 27.97 8.22 32.46
C THR A 312 28.63 7.63 31.22
N ALA A 313 28.52 8.35 30.11
CA ALA A 313 29.09 7.88 28.86
C ALA A 313 30.08 8.86 28.28
N THR A 314 30.93 8.36 27.39
CA THR A 314 31.93 9.16 26.70
C THR A 314 31.88 8.76 25.23
N LEU A 315 31.76 9.74 24.34
CA LEU A 315 31.72 9.47 22.91
C LEU A 315 33.07 9.86 22.32
N HIS A 316 33.43 9.24 21.20
CA HIS A 316 34.70 9.50 20.54
C HIS A 316 34.50 9.86 19.06
N SER A 317 35.58 10.30 18.40
CA SER A 317 35.52 10.66 16.99
C SER A 317 34.81 9.53 16.27
N PRO A 318 33.78 9.87 15.49
CA PRO A 318 33.00 8.86 14.78
C PRO A 318 33.53 8.20 13.52
N TYR A 319 32.93 7.06 13.23
CA TYR A 319 33.22 6.34 12.00
C TYR A 319 32.25 7.05 11.06
N THR A 320 32.62 7.22 9.80
CA THR A 320 31.74 7.88 8.85
C THR A 320 31.70 7.04 7.58
N PHE A 321 30.53 6.96 6.96
CA PHE A 321 30.37 6.17 5.74
C PHE A 321 29.89 7.12 4.65
N ASN A 322 30.87 7.63 3.90
CA ASN A 322 30.66 8.62 2.86
C ASN A 322 29.63 8.35 1.77
N ALA A 323 29.40 7.09 1.44
CA ALA A 323 28.42 6.74 0.40
C ALA A 323 27.05 6.52 1.01
N PHE A 324 27.02 6.41 2.34
CA PHE A 324 25.76 6.23 3.06
C PHE A 324 25.25 7.63 3.43
N THR A 325 24.84 8.37 2.42
CA THR A 325 24.34 9.72 2.58
C THR A 325 22.85 9.69 2.90
N ARG A 326 22.27 10.86 3.14
CA ARG A 326 20.85 10.99 3.40
C ARG A 326 20.35 12.25 2.71
N PRO A 327 19.07 12.25 2.29
CA PRO A 327 18.55 13.44 1.63
C PRO A 327 18.32 14.56 2.63
N GLY A 328 18.44 15.81 2.15
CA GLY A 328 18.22 16.94 3.03
C GLY A 328 17.91 18.18 2.21
N SER A 329 17.27 19.16 2.82
CA SER A 329 16.95 20.39 2.11
C SER A 329 18.24 21.20 1.93
N ILE A 330 18.35 21.94 0.84
CA ILE A 330 19.54 22.74 0.60
C ILE A 330 19.66 23.75 1.73
N PRO A 331 20.90 24.15 2.10
CA PRO A 331 22.19 23.75 1.54
C PRO A 331 22.79 22.52 2.22
N CYS A 332 21.92 21.76 2.88
CA CYS A 332 22.36 20.56 3.60
C CYS A 332 21.86 19.28 2.94
N GLN A 333 21.91 19.23 1.61
CA GLN A 333 21.45 18.08 0.87
C GLN A 333 22.47 16.94 0.96
N ALA A 334 22.13 15.80 0.38
CA ALA A 334 23.01 14.63 0.43
C ALA A 334 24.46 14.89 0.06
N SER A 335 24.67 15.75 -0.93
CA SER A 335 26.02 16.07 -1.41
C SER A 335 26.74 17.18 -0.66
N ALA A 336 26.10 17.79 0.34
CA ALA A 336 26.73 18.88 1.09
C ALA A 336 28.11 18.50 1.60
N ARG A 337 29.02 19.46 1.61
CA ARG A 337 30.39 19.18 2.07
C ARG A 337 30.91 20.25 3.02
N CYS A 338 30.15 21.33 3.18
CA CYS A 338 30.57 22.43 4.05
C CYS A 338 29.69 22.66 5.27
N PRO A 339 30.28 23.16 6.36
CA PRO A 339 29.51 23.44 7.56
C PRO A 339 28.41 24.42 7.21
N ASN A 340 27.21 24.20 7.73
CA ASN A 340 26.07 25.05 7.44
C ASN A 340 25.09 24.91 8.60
N SER A 341 24.09 25.78 8.65
CA SER A 341 23.09 25.75 9.70
C SER A 341 21.77 25.25 9.10
N CYS A 342 21.24 24.17 9.66
CA CYS A 342 19.99 23.58 9.17
C CYS A 342 19.48 22.50 10.11
N VAL A 343 18.21 22.15 9.94
CA VAL A 343 17.58 21.08 10.70
C VAL A 343 16.82 20.31 9.62
N THR A 344 17.43 19.25 9.13
CA THR A 344 16.81 18.47 8.08
C THR A 344 17.22 17.01 8.23
N GLY A 345 17.40 16.31 7.10
CA GLY A 345 17.82 14.93 7.15
C GLY A 345 16.73 13.95 7.56
N VAL A 346 17.13 12.70 7.76
CA VAL A 346 16.19 11.65 8.11
C VAL A 346 16.91 10.51 8.82
N TYR A 347 16.20 9.84 9.73
CA TYR A 347 16.79 8.72 10.46
C TYR A 347 16.89 7.47 9.58
N THR A 348 18.13 7.07 9.28
CA THR A 348 18.42 5.86 8.50
C THR A 348 19.70 5.32 9.14
N ASP A 349 19.56 4.46 10.13
CA ASP A 349 20.75 3.96 10.84
C ASP A 349 21.56 2.85 10.19
N PRO A 350 22.87 2.79 10.52
CA PRO A 350 23.83 1.81 10.02
C PRO A 350 24.13 0.79 11.12
N TYR A 351 24.02 -0.49 10.81
CA TYR A 351 24.30 -1.53 11.78
C TYR A 351 25.71 -2.09 11.60
N PRO A 352 26.55 -2.06 12.65
CA PRO A 352 27.92 -2.57 12.57
C PRO A 352 27.89 -4.03 12.12
N LEU A 353 28.53 -4.31 10.98
CA LEU A 353 28.51 -5.64 10.40
C LEU A 353 29.86 -6.33 10.21
N ILE A 354 30.79 -5.64 9.57
CA ILE A 354 32.11 -6.17 9.28
C ILE A 354 33.19 -5.48 10.11
N PHE A 355 34.00 -6.29 10.80
CA PHE A 355 35.07 -5.76 11.65
C PHE A 355 36.43 -6.33 11.31
N TYR A 356 37.49 -5.64 11.72
CA TYR A 356 38.84 -6.12 11.51
C TYR A 356 39.04 -7.15 12.62
N ARG A 357 40.13 -7.90 12.54
CA ARG A 357 40.45 -8.90 13.54
C ARG A 357 40.60 -8.17 14.87
N ASN A 358 41.20 -6.98 14.82
CA ASN A 358 41.43 -6.18 16.03
C ASN A 358 40.19 -5.46 16.55
N HIS A 359 39.02 -5.83 16.05
CA HIS A 359 37.75 -5.26 16.49
C HIS A 359 37.38 -3.86 15.98
N THR A 360 38.26 -3.22 15.22
CA THR A 360 37.91 -1.91 14.69
C THR A 360 36.82 -2.15 13.63
N LEU A 361 35.80 -1.32 13.63
CA LEU A 361 34.70 -1.46 12.67
C LEU A 361 35.10 -1.01 11.27
N ARG A 362 34.65 -1.75 10.25
CA ARG A 362 34.98 -1.36 8.89
C ARG A 362 33.78 -1.36 7.93
N GLY A 363 32.73 -2.11 8.24
CA GLY A 363 31.58 -2.14 7.37
C GLY A 363 30.23 -2.22 8.07
N VAL A 364 29.23 -1.54 7.53
CA VAL A 364 27.89 -1.55 8.10
C VAL A 364 26.83 -1.83 7.05
N PHE A 365 25.66 -2.25 7.53
CA PHE A 365 24.52 -2.51 6.66
C PHE A 365 23.48 -1.47 7.02
N GLY A 366 22.75 -1.00 6.02
CA GLY A 366 21.72 -0.03 6.29
C GLY A 366 20.85 0.18 5.07
N THR A 367 19.70 0.82 5.27
CA THR A 367 18.79 1.12 4.18
C THR A 367 18.75 2.63 4.10
N MET A 368 19.46 3.16 3.12
CA MET A 368 19.55 4.60 2.92
C MET A 368 18.44 5.09 2.01
N LEU A 369 18.22 6.40 2.02
CA LEU A 369 17.27 7.01 1.11
C LEU A 369 18.21 7.49 0.01
N ASP A 370 18.16 6.81 -1.12
CA ASP A 370 19.01 7.09 -2.26
C ASP A 370 18.53 8.31 -3.03
N SER A 371 18.53 9.45 -2.34
CA SER A 371 18.08 10.71 -2.93
C SER A 371 18.93 11.88 -2.45
N GLU A 372 18.85 12.98 -3.19
CA GLU A 372 19.61 14.19 -2.90
C GLU A 372 18.92 15.16 -1.94
N GLN A 373 17.66 15.50 -2.24
CA GLN A 373 16.91 16.45 -1.42
C GLN A 373 15.60 15.93 -0.86
N ALA A 374 14.91 15.09 -1.62
CA ALA A 374 13.62 14.55 -1.19
C ALA A 374 13.74 13.21 -0.46
N ARG A 375 12.82 12.94 0.46
CA ARG A 375 12.82 11.69 1.21
C ARG A 375 12.19 10.58 0.38
N LEU A 376 12.96 10.03 -0.55
CA LEU A 376 12.46 8.98 -1.41
C LEU A 376 13.52 7.96 -1.70
N ASN A 377 13.07 6.87 -2.32
CA ASN A 377 13.96 5.80 -2.79
C ASN A 377 14.82 5.02 -1.79
N PRO A 378 14.17 4.32 -0.84
CA PRO A 378 14.93 3.54 0.14
C PRO A 378 15.69 2.42 -0.57
N ALA A 379 16.95 2.19 -0.20
CA ALA A 379 17.76 1.14 -0.80
C ALA A 379 18.73 0.56 0.24
N SER A 380 18.77 -0.77 0.33
CA SER A 380 19.64 -1.47 1.26
C SER A 380 21.01 -1.80 0.65
N ALA A 381 22.05 -1.77 1.47
CA ALA A 381 23.40 -2.07 1.02
C ALA A 381 24.37 -2.20 2.18
N VAL A 382 25.60 -2.60 1.85
CA VAL A 382 26.68 -2.73 2.80
C VAL A 382 27.60 -1.55 2.46
N PHE A 383 28.07 -0.84 3.47
CA PHE A 383 28.93 0.32 3.25
C PHE A 383 30.21 0.29 4.07
N ASP A 384 31.26 0.89 3.53
CA ASP A 384 32.50 1.01 4.28
C ASP A 384 32.74 2.51 4.36
N SER A 385 33.94 2.93 4.73
CA SER A 385 34.19 4.36 4.87
C SER A 385 33.98 5.20 3.62
N THR A 386 34.15 4.60 2.44
CA THR A 386 34.02 5.38 1.21
C THR A 386 33.06 4.85 0.15
N SER A 387 32.75 3.56 0.20
CA SER A 387 31.92 2.97 -0.84
C SER A 387 30.63 2.27 -0.43
N ARG A 388 29.89 1.87 -1.45
CA ARG A 388 28.62 1.17 -1.29
C ARG A 388 28.61 -0.07 -2.18
N SER A 389 28.16 -1.18 -1.63
CA SER A 389 28.09 -2.44 -2.37
C SER A 389 26.89 -2.43 -3.31
N ARG A 390 26.66 -3.57 -3.94
CA ARG A 390 25.52 -3.76 -4.83
C ARG A 390 24.32 -3.50 -3.92
N ILE A 391 23.28 -2.85 -4.44
CA ILE A 391 22.12 -2.54 -3.62
C ILE A 391 20.88 -3.37 -3.90
N THR A 392 19.92 -3.27 -2.99
CA THR A 392 18.63 -3.93 -3.13
C THR A 392 17.60 -2.86 -2.85
N ARG A 393 17.03 -2.30 -3.92
CA ARG A 393 16.02 -1.25 -3.77
C ARG A 393 14.81 -1.83 -3.07
N VAL A 394 14.24 -1.06 -2.14
CA VAL A 394 13.09 -1.53 -1.39
C VAL A 394 11.81 -1.62 -2.21
N SER A 395 11.49 -0.56 -2.94
CA SER A 395 10.30 -0.53 -3.77
C SER A 395 10.62 0.21 -5.06
N SER A 396 9.96 1.35 -5.30
CA SER A 396 10.22 2.12 -6.50
C SER A 396 10.98 3.38 -6.13
N SER A 397 11.39 4.13 -7.15
CA SER A 397 12.13 5.36 -6.93
C SER A 397 11.24 6.43 -6.30
N SER A 398 9.94 6.33 -6.55
CA SER A 398 8.98 7.29 -6.02
C SER A 398 8.50 6.95 -4.61
N THR A 399 8.94 5.82 -4.07
CA THR A 399 8.55 5.42 -2.72
C THR A 399 9.07 6.42 -1.69
N LYS A 400 8.17 6.88 -0.82
CA LYS A 400 8.52 7.82 0.25
C LYS A 400 8.94 7.03 1.49
N ALA A 401 9.82 7.62 2.30
CA ALA A 401 10.31 6.95 3.51
C ALA A 401 10.54 8.00 4.58
N ALA A 402 10.33 7.63 5.84
CA ALA A 402 10.48 8.55 6.96
C ALA A 402 11.50 8.09 8.00
N TYR A 403 11.73 6.78 8.05
CA TYR A 403 12.67 6.17 8.99
C TYR A 403 13.06 4.78 8.49
N THR A 404 14.31 4.38 8.74
CA THR A 404 14.76 3.02 8.46
C THR A 404 15.69 2.66 9.63
N THR A 405 15.48 1.49 10.23
CA THR A 405 16.33 1.05 11.32
C THR A 405 16.64 -0.40 11.05
N SER A 406 17.93 -0.74 11.09
CA SER A 406 18.36 -2.09 10.79
C SER A 406 19.14 -2.75 11.92
N THR A 407 18.98 -4.06 12.01
CA THR A 407 19.68 -4.86 13.01
C THR A 407 19.99 -6.19 12.32
N CYS A 408 21.23 -6.63 12.41
CA CYS A 408 21.62 -7.88 11.77
C CYS A 408 21.96 -8.95 12.79
N PHE A 409 21.84 -10.21 12.38
CA PHE A 409 22.10 -11.33 13.25
C PHE A 409 22.50 -12.52 12.41
N LYS A 410 22.84 -13.63 13.07
CA LYS A 410 23.26 -14.82 12.36
C LYS A 410 22.54 -16.08 12.81
N VAL A 411 22.30 -16.97 11.87
CA VAL A 411 21.67 -18.25 12.17
C VAL A 411 22.87 -19.16 12.32
N VAL A 412 23.26 -19.43 13.56
CA VAL A 412 24.41 -20.28 13.84
C VAL A 412 24.33 -21.64 13.19
N LYS A 413 23.13 -22.22 13.17
CA LYS A 413 22.92 -23.53 12.56
C LYS A 413 23.44 -23.54 11.13
N THR A 414 22.97 -22.59 10.32
CA THR A 414 23.38 -22.52 8.92
C THR A 414 24.57 -21.59 8.68
N ASN A 415 24.97 -20.87 9.73
CA ASN A 415 26.08 -19.92 9.67
C ASN A 415 25.84 -18.82 8.64
N LYS A 416 24.58 -18.46 8.42
CA LYS A 416 24.25 -17.41 7.46
C LYS A 416 23.89 -16.13 8.20
N THR A 417 24.34 -14.99 7.68
CA THR A 417 24.08 -13.69 8.28
C THR A 417 22.90 -13.00 7.60
N TYR A 418 22.01 -12.43 8.40
CA TYR A 418 20.83 -11.74 7.89
C TYR A 418 20.67 -10.37 8.52
N CYS A 419 19.99 -9.48 7.82
CA CYS A 419 19.75 -8.15 8.36
C CYS A 419 18.28 -7.80 8.24
N LEU A 420 17.71 -7.35 9.35
CA LEU A 420 16.33 -6.94 9.39
C LEU A 420 16.32 -5.44 9.15
N SER A 421 15.51 -4.98 8.21
CA SER A 421 15.44 -3.55 7.98
C SER A 421 13.99 -3.17 8.15
N ILE A 422 13.73 -2.30 9.12
CA ILE A 422 12.39 -1.84 9.40
C ILE A 422 12.27 -0.44 8.81
N ALA A 423 11.29 -0.22 7.95
CA ALA A 423 11.13 1.09 7.33
C ALA A 423 9.70 1.61 7.26
N GLU A 424 9.56 2.90 7.53
CA GLU A 424 8.26 3.56 7.45
C GLU A 424 8.21 4.08 6.02
N ILE A 425 7.34 3.49 5.20
CA ILE A 425 7.26 3.88 3.79
C ILE A 425 5.82 4.04 3.31
N SER A 426 5.66 4.66 2.14
CA SER A 426 4.35 4.85 1.53
C SER A 426 4.50 5.04 0.03
N ASN A 427 3.45 4.66 -0.70
CA ASN A 427 3.42 4.80 -2.15
C ASN A 427 2.14 5.55 -2.48
N THR A 428 2.25 6.48 -3.43
CA THR A 428 1.14 7.33 -3.86
C THR A 428 -0.30 6.88 -3.64
N LEU A 429 -0.76 5.88 -4.39
CA LEU A 429 -2.15 5.42 -4.28
C LEU A 429 -2.47 4.44 -3.16
N PHE A 430 -1.48 4.02 -2.38
CA PHE A 430 -1.77 3.04 -1.34
C PHE A 430 -1.92 3.50 0.09
N GLY A 431 -2.18 4.80 0.30
CA GLY A 431 -2.38 5.28 1.66
C GLY A 431 -1.20 5.90 2.38
N GLU A 432 -1.42 6.25 3.64
CA GLU A 432 -0.41 6.89 4.48
C GLU A 432 0.75 5.97 4.83
N PHE A 433 1.74 6.54 5.51
CA PHE A 433 2.91 5.80 5.94
C PHE A 433 2.52 4.55 6.73
N ARG A 434 3.32 3.50 6.57
CA ARG A 434 3.10 2.23 7.22
C ARG A 434 4.50 1.67 7.48
N ILE A 435 4.70 1.05 8.65
CA ILE A 435 6.01 0.47 8.95
C ILE A 435 6.05 -0.96 8.43
N VAL A 436 7.06 -1.26 7.63
CA VAL A 436 7.19 -2.59 7.06
C VAL A 436 8.56 -3.22 7.34
N PRO A 437 8.57 -4.46 7.85
CA PRO A 437 9.84 -5.12 8.13
C PRO A 437 10.32 -5.94 6.93
N LEU A 438 11.60 -5.78 6.58
CA LEU A 438 12.20 -6.48 5.45
C LEU A 438 13.38 -7.29 5.95
N LEU A 439 13.64 -8.42 5.30
CA LEU A 439 14.76 -9.26 5.70
C LEU A 439 15.59 -9.68 4.49
N VAL A 440 16.90 -9.50 4.58
CA VAL A 440 17.80 -9.86 3.51
C VAL A 440 18.95 -10.67 4.08
N GLU A 441 19.52 -11.55 3.25
CA GLU A 441 20.66 -12.32 3.69
C GLU A 441 21.86 -11.54 3.19
N ILE A 442 22.96 -11.57 3.92
CA ILE A 442 24.17 -10.88 3.48
C ILE A 442 25.01 -11.90 2.70
N LEU A 443 25.27 -11.60 1.44
CA LEU A 443 26.05 -12.49 0.57
C LEU A 443 27.43 -11.90 0.28
N LYS A 444 28.29 -12.68 -0.36
CA LYS A 444 29.62 -12.19 -0.69
C LYS A 444 30.06 -12.53 -2.11
N ASN A 445 30.82 -11.63 -2.73
CA ASN A 445 31.35 -11.84 -4.08
C ASN A 445 32.62 -12.66 -3.93
N ASP A 446 32.53 -13.73 -3.15
CA ASP A 446 33.68 -14.60 -2.90
C ASP A 446 33.21 -15.78 -2.03
N GLY A 447 34.06 -16.63 -1.67
N GLY B 1 -25.81 20.89 -3.86
CA GLY B 1 -26.39 20.03 -2.77
C GLY B 1 -27.60 19.29 -3.28
N ALA B 2 -28.06 19.69 -4.47
CA ALA B 2 -29.21 19.08 -5.10
C ALA B 2 -28.89 17.61 -5.39
N PRO B 3 -29.89 16.73 -5.35
CA PRO B 3 -29.69 15.31 -5.62
C PRO B 3 -29.63 14.99 -7.11
N ILE B 4 -28.70 15.64 -7.81
CA ILE B 4 -28.49 15.46 -9.24
C ILE B 4 -27.12 16.05 -9.59
N HIS B 5 -26.54 15.57 -10.68
CA HIS B 5 -25.25 16.08 -11.14
C HIS B 5 -25.36 17.60 -11.27
N ASP B 6 -24.26 18.32 -11.02
CA ASP B 6 -24.26 19.77 -11.13
C ASP B 6 -24.54 20.19 -12.57
N PRO B 7 -25.03 21.42 -12.77
CA PRO B 7 -25.34 21.93 -14.11
C PRO B 7 -24.26 21.73 -15.19
N ASP B 8 -22.99 21.85 -14.81
CA ASP B 8 -21.91 21.68 -15.77
C ASP B 8 -21.91 20.31 -16.47
N PHE B 9 -22.48 19.31 -15.82
CA PHE B 9 -22.50 17.96 -16.40
C PHE B 9 -23.78 17.62 -17.16
N ILE B 10 -24.85 18.36 -16.88
CA ILE B 10 -26.14 18.09 -17.51
C ILE B 10 -26.06 18.00 -19.03
N GLY B 11 -26.34 16.81 -19.55
CA GLY B 11 -26.29 16.59 -20.98
C GLY B 11 -24.99 15.93 -21.42
N GLY B 12 -24.07 15.72 -20.48
CA GLY B 12 -22.79 15.11 -20.82
C GLY B 12 -22.58 13.74 -20.23
N ILE B 13 -23.66 13.10 -19.80
CA ILE B 13 -23.59 11.79 -19.18
C ILE B 13 -24.29 10.70 -19.99
N GLY B 14 -23.63 9.55 -20.10
CA GLY B 14 -24.20 8.40 -20.81
C GLY B 14 -24.45 8.51 -22.31
N LYS B 15 -23.83 9.47 -22.98
CA LYS B 15 -24.03 9.63 -24.42
C LYS B 15 -22.77 9.26 -25.20
N GLU B 16 -22.88 9.28 -26.52
CA GLU B 16 -21.73 9.00 -27.38
C GLU B 16 -20.86 10.26 -27.22
N LEU B 17 -19.71 10.10 -26.59
CA LEU B 17 -18.81 11.22 -26.33
C LEU B 17 -18.05 11.76 -27.53
N ILE B 18 -17.44 10.86 -28.30
CA ILE B 18 -16.66 11.28 -29.45
C ILE B 18 -17.09 10.64 -30.76
N VAL B 19 -17.50 11.47 -31.71
CA VAL B 19 -17.94 11.00 -33.01
C VAL B 19 -17.02 11.51 -34.11
N ASP B 20 -16.07 10.67 -34.51
CA ASP B 20 -15.12 11.01 -35.56
C ASP B 20 -15.08 9.90 -36.60
N ASN B 21 -15.07 10.28 -37.86
CA ASN B 21 -15.03 9.32 -38.96
C ASN B 21 -13.69 9.41 -39.68
N ALA B 22 -13.08 10.59 -39.63
CA ALA B 22 -11.80 10.81 -40.28
C ALA B 22 -10.66 10.54 -39.30
N SER B 23 -10.40 11.53 -38.44
CA SER B 23 -9.33 11.42 -37.44
C SER B 23 -9.22 10.01 -36.87
N ASP B 24 -8.00 9.48 -36.88
CA ASP B 24 -7.73 8.14 -36.39
C ASP B 24 -8.22 7.98 -34.95
N VAL B 25 -8.65 6.77 -34.60
CA VAL B 25 -9.15 6.48 -33.27
C VAL B 25 -8.09 6.60 -32.18
N THR B 26 -6.99 5.86 -32.34
CA THR B 26 -5.92 5.88 -31.36
C THR B 26 -5.19 7.21 -31.23
N SER B 27 -5.65 8.22 -31.96
CA SER B 27 -5.04 9.54 -31.89
C SER B 27 -5.47 10.18 -30.56
N PHE B 28 -6.60 9.73 -30.04
CA PHE B 28 -7.07 10.21 -28.75
C PHE B 28 -6.35 9.37 -27.71
N TYR B 29 -6.00 9.98 -26.59
CA TYR B 29 -5.28 9.25 -25.55
C TYR B 29 -5.51 9.87 -24.19
N PRO B 30 -5.25 9.11 -23.11
CA PRO B 30 -5.43 9.58 -21.74
C PRO B 30 -4.25 10.45 -21.29
N SER B 31 -4.54 11.51 -20.54
CA SER B 31 -3.49 12.39 -20.03
C SER B 31 -3.06 11.83 -18.68
N ALA B 32 -2.45 12.68 -17.85
CA ALA B 32 -2.01 12.26 -16.53
C ALA B 32 -3.20 12.13 -15.58
N PHE B 33 -3.08 11.23 -14.61
CA PHE B 33 -4.15 11.00 -13.64
C PHE B 33 -4.40 12.25 -12.83
N GLN B 34 -5.51 12.92 -13.12
CA GLN B 34 -5.86 14.16 -12.44
C GLN B 34 -6.44 13.97 -11.04
N GLU B 35 -7.07 15.03 -10.55
CA GLU B 35 -7.70 15.08 -9.23
C GLU B 35 -8.02 13.72 -8.63
N HIS B 36 -7.07 13.14 -7.88
CA HIS B 36 -7.34 11.84 -7.26
C HIS B 36 -8.60 11.98 -6.43
N LEU B 37 -9.67 11.37 -6.91
CA LEU B 37 -10.96 11.41 -6.25
C LEU B 37 -10.94 10.70 -4.90
N ASN B 38 -11.82 11.12 -4.00
CA ASN B 38 -11.88 10.53 -2.67
C ASN B 38 -13.28 10.03 -2.30
N PHE B 39 -14.14 9.80 -3.29
CA PHE B 39 -15.49 9.34 -2.96
C PHE B 39 -15.52 7.87 -2.56
N ILE B 40 -14.47 7.12 -2.86
CA ILE B 40 -14.43 5.71 -2.49
C ILE B 40 -13.70 5.53 -1.16
N PRO B 41 -14.39 4.99 -0.13
CA PRO B 41 -13.79 4.79 1.19
C PRO B 41 -12.62 3.80 1.18
N ALA B 42 -11.62 4.06 2.01
CA ALA B 42 -10.47 3.18 2.12
C ALA B 42 -10.92 1.99 2.97
N PRO B 43 -10.11 0.93 3.06
CA PRO B 43 -10.52 -0.22 3.87
C PRO B 43 -10.74 0.25 5.30
N THR B 44 -11.63 -0.42 6.01
CA THR B 44 -11.94 -0.05 7.39
C THR B 44 -10.72 -0.29 8.29
N THR B 45 -9.94 -1.31 7.95
CA THR B 45 -8.77 -1.64 8.75
C THR B 45 -7.50 -1.58 7.90
N GLY B 46 -6.35 -1.58 8.57
CA GLY B 46 -5.09 -1.53 7.84
C GLY B 46 -4.72 -2.90 7.31
N SER B 47 -5.24 -3.95 7.94
CA SER B 47 -4.95 -5.32 7.51
C SER B 47 -6.02 -5.91 6.60
N GLY B 48 -7.12 -5.18 6.39
CA GLY B 48 -8.20 -5.67 5.54
C GLY B 48 -8.10 -5.19 4.10
N CYS B 49 -9.20 -5.30 3.35
CA CYS B 49 -9.19 -4.87 1.95
C CYS B 49 -10.58 -4.43 1.49
N THR B 50 -10.62 -3.80 0.32
CA THR B 50 -11.87 -3.39 -0.31
C THR B 50 -11.68 -4.03 -1.67
N ARG B 51 -12.70 -4.70 -2.17
CA ARG B 51 -12.58 -5.43 -3.43
C ARG B 51 -13.90 -5.55 -4.20
N ILE B 52 -13.82 -6.06 -5.41
CA ILE B 52 -14.99 -6.31 -6.25
C ILE B 52 -15.88 -5.07 -6.42
N PRO B 53 -15.34 -4.02 -7.07
CA PRO B 53 -16.09 -2.78 -7.30
C PRO B 53 -17.10 -2.88 -8.44
N SER B 54 -18.21 -2.16 -8.28
CA SER B 54 -19.24 -2.08 -9.31
C SER B 54 -19.66 -0.61 -9.42
N PHE B 55 -19.83 -0.12 -10.63
CA PHE B 55 -20.19 1.28 -10.84
C PHE B 55 -21.11 1.50 -12.04
N ASP B 56 -22.10 2.37 -11.86
CA ASP B 56 -23.03 2.68 -12.93
C ASP B 56 -23.53 4.10 -12.71
N MET B 57 -23.61 4.89 -13.78
CA MET B 57 -24.06 6.27 -13.69
C MET B 57 -25.08 6.65 -14.75
N SER B 58 -26.19 7.22 -14.30
CA SER B 58 -27.26 7.65 -15.19
C SER B 58 -27.12 9.15 -15.41
N ALA B 59 -28.06 9.73 -16.14
CA ALA B 59 -28.04 11.15 -16.43
C ALA B 59 -28.27 12.03 -15.19
N THR B 60 -28.63 11.42 -14.07
CA THR B 60 -28.87 12.20 -12.86
C THR B 60 -28.00 11.85 -11.66
N HIS B 61 -27.53 10.62 -11.58
CA HIS B 61 -26.70 10.20 -10.45
C HIS B 61 -25.91 8.95 -10.76
N TYR B 62 -24.95 8.64 -9.88
CA TYR B 62 -24.14 7.43 -10.05
C TYR B 62 -24.35 6.51 -8.84
N CYS B 63 -24.01 5.25 -9.02
CA CYS B 63 -24.12 4.26 -7.96
C CYS B 63 -22.80 3.51 -7.91
N TYR B 64 -22.36 3.22 -6.70
CA TYR B 64 -21.09 2.51 -6.50
C TYR B 64 -21.21 1.58 -5.33
N THR B 65 -20.52 0.44 -5.42
CA THR B 65 -20.52 -0.53 -4.35
C THR B 65 -19.24 -1.36 -4.37
N HIS B 66 -18.82 -1.81 -3.18
CA HIS B 66 -17.65 -2.68 -3.10
C HIS B 66 -17.78 -3.52 -1.84
N ASN B 67 -17.03 -4.61 -1.80
CA ASN B 67 -17.04 -5.55 -0.69
C ASN B 67 -15.84 -5.32 0.23
N VAL B 68 -16.10 -5.32 1.54
CA VAL B 68 -15.06 -5.07 2.53
C VAL B 68 -14.76 -6.25 3.45
N ILE B 69 -13.48 -6.59 3.58
CA ILE B 69 -13.04 -7.66 4.45
C ILE B 69 -12.19 -7.00 5.55
N LEU B 70 -12.46 -7.38 6.81
CA LEU B 70 -11.77 -6.77 7.93
C LEU B 70 -10.36 -7.28 8.24
N SER B 71 -10.07 -8.53 7.85
CA SER B 71 -8.76 -9.10 8.08
C SER B 71 -8.35 -9.93 6.87
N GLY B 72 -7.32 -9.47 6.16
CA GLY B 72 -6.86 -10.18 4.99
C GLY B 72 -7.81 -9.90 3.83
N CYS B 73 -7.72 -10.71 2.78
CA CYS B 73 -8.59 -10.53 1.62
C CYS B 73 -8.92 -11.89 1.03
N ARG B 74 -9.03 -12.87 1.91
CA ARG B 74 -9.35 -14.24 1.51
C ARG B 74 -10.85 -14.33 1.25
N ASP B 75 -11.23 -14.88 0.10
CA ASP B 75 -12.64 -15.00 -0.26
C ASP B 75 -13.40 -15.83 0.76
N HIS B 76 -12.67 -16.69 1.47
CA HIS B 76 -13.28 -17.53 2.49
C HIS B 76 -13.22 -16.82 3.84
N SER B 77 -13.93 -15.70 3.94
CA SER B 77 -13.97 -14.91 5.17
C SER B 77 -15.20 -14.01 5.13
N HIS B 78 -15.71 -13.66 6.32
CA HIS B 78 -16.88 -12.79 6.42
C HIS B 78 -16.61 -11.47 5.72
N SER B 79 -17.64 -10.88 5.14
CA SER B 79 -17.48 -9.60 4.45
C SER B 79 -18.70 -8.68 4.62
N HIS B 80 -18.49 -7.40 4.35
CA HIS B 80 -19.53 -6.39 4.44
C HIS B 80 -19.61 -5.69 3.09
N GLN B 81 -20.81 -5.36 2.64
CA GLN B 81 -20.97 -4.68 1.37
C GLN B 81 -21.27 -3.19 1.60
N TYR B 82 -20.47 -2.33 0.97
CA TYR B 82 -20.64 -0.89 1.07
C TYR B 82 -21.38 -0.43 -0.19
N LEU B 83 -22.41 0.38 -0.03
CA LEU B 83 -23.20 0.85 -1.17
C LEU B 83 -23.43 2.35 -1.08
N ALA B 84 -23.26 3.06 -2.19
CA ALA B 84 -23.42 4.51 -2.19
C ALA B 84 -24.13 5.10 -3.40
N LEU B 85 -24.82 6.21 -3.15
CA LEU B 85 -25.55 6.94 -4.18
C LEU B 85 -24.94 8.34 -4.22
N GLY B 86 -24.51 8.78 -5.40
CA GLY B 86 -23.90 10.10 -5.50
C GLY B 86 -24.11 10.82 -6.81
N VAL B 87 -23.51 11.99 -6.93
CA VAL B 87 -23.63 12.81 -8.14
C VAL B 87 -22.32 13.53 -8.43
N LEU B 88 -22.13 13.93 -9.69
CA LEU B 88 -20.94 14.67 -10.09
C LEU B 88 -21.12 16.15 -9.79
N ARG B 89 -20.11 16.78 -9.21
CA ARG B 89 -20.17 18.20 -8.91
C ARG B 89 -18.85 18.85 -9.31
N THR B 90 -18.81 20.18 -9.33
CA THR B 90 -17.60 20.91 -9.65
C THR B 90 -17.44 21.99 -8.57
N THR B 91 -16.19 22.29 -8.21
CA THR B 91 -15.96 23.33 -7.20
C THR B 91 -16.03 24.67 -7.90
N ALA B 92 -15.75 25.74 -7.16
CA ALA B 92 -15.78 27.09 -7.73
C ALA B 92 -14.74 27.24 -8.83
N THR B 93 -13.63 26.51 -8.71
CA THR B 93 -12.55 26.57 -9.70
C THR B 93 -12.82 25.67 -10.91
N GLY B 94 -13.76 24.74 -10.76
CA GLY B 94 -14.08 23.83 -11.84
C GLY B 94 -13.57 22.41 -11.61
N ARG B 95 -13.00 22.19 -10.43
CA ARG B 95 -12.47 20.88 -10.07
C ARG B 95 -13.61 19.86 -9.95
N ILE B 96 -13.47 18.75 -10.66
CA ILE B 96 -14.48 17.69 -10.65
C ILE B 96 -14.37 16.79 -9.44
N PHE B 97 -15.49 16.55 -8.77
CA PHE B 97 -15.49 15.64 -7.63
C PHE B 97 -16.80 14.88 -7.54
N PHE B 98 -16.71 13.65 -7.04
CA PHE B 98 -17.86 12.78 -6.88
C PHE B 98 -18.39 12.97 -5.47
N SER B 99 -19.59 13.53 -5.36
CA SER B 99 -20.21 13.80 -4.07
C SER B 99 -21.23 12.74 -3.68
N THR B 100 -21.05 12.15 -2.50
CA THR B 100 -21.95 11.12 -2.01
C THR B 100 -23.22 11.76 -1.44
N LEU B 101 -24.37 11.22 -1.81
CA LEU B 101 -25.64 11.73 -1.30
C LEU B 101 -26.03 10.84 -0.14
N ARG B 102 -25.96 9.53 -0.37
CA ARG B 102 -26.32 8.54 0.64
C ARG B 102 -25.40 7.33 0.50
N SER B 103 -25.15 6.65 1.61
CA SER B 103 -24.31 5.46 1.59
C SER B 103 -24.72 4.60 2.76
N ILE B 104 -24.50 3.31 2.65
CA ILE B 104 -24.82 2.39 3.72
C ILE B 104 -23.83 1.23 3.70
N SER B 105 -23.55 0.70 4.89
CA SER B 105 -22.65 -0.43 5.01
C SER B 105 -23.48 -1.59 5.52
N LEU B 106 -23.79 -2.54 4.65
CA LEU B 106 -24.58 -3.69 5.02
C LEU B 106 -23.72 -4.61 5.88
N ASP B 107 -23.81 -4.43 7.19
CA ASP B 107 -23.02 -5.21 8.14
C ASP B 107 -23.85 -6.25 8.88
N ASP B 108 -24.86 -6.81 8.22
CA ASP B 108 -25.69 -7.82 8.86
C ASP B 108 -24.97 -9.16 8.86
N THR B 109 -25.73 -10.24 8.98
CA THR B 109 -25.13 -11.57 9.02
C THR B 109 -25.21 -12.28 7.67
N GLN B 110 -25.77 -11.61 6.67
CA GLN B 110 -25.88 -12.18 5.34
C GLN B 110 -24.52 -12.05 4.68
N ASN B 111 -24.13 -13.03 3.88
CA ASN B 111 -22.84 -12.98 3.20
C ASN B 111 -23.04 -12.70 1.71
N ARG B 112 -23.25 -11.43 1.37
CA ARG B 112 -23.46 -11.00 0.00
C ARG B 112 -22.15 -11.00 -0.77
N LYS B 113 -22.16 -11.52 -1.99
CA LYS B 113 -20.94 -11.55 -2.78
C LYS B 113 -21.16 -11.38 -4.28
N SER B 114 -20.11 -10.92 -4.95
CA SER B 114 -20.13 -10.72 -6.39
C SER B 114 -21.25 -9.77 -6.83
N CYS B 115 -21.56 -8.78 -5.99
CA CYS B 115 -22.63 -7.82 -6.27
C CYS B 115 -22.39 -6.84 -7.41
N SER B 116 -23.47 -6.56 -8.15
CA SER B 116 -23.47 -5.60 -9.26
C SER B 116 -24.46 -4.50 -8.89
N VAL B 117 -24.21 -3.27 -9.34
CA VAL B 117 -25.12 -2.17 -9.03
C VAL B 117 -25.56 -1.45 -10.31
N SER B 118 -26.69 -0.76 -10.23
CA SER B 118 -27.21 -0.02 -11.38
C SER B 118 -27.96 1.23 -10.93
N ALA B 119 -27.77 2.33 -11.65
CA ALA B 119 -28.46 3.57 -11.31
C ALA B 119 -29.82 3.56 -11.96
N THR B 120 -30.87 3.56 -11.15
CA THR B 120 -32.23 3.59 -11.67
C THR B 120 -32.93 4.87 -11.16
N PRO B 121 -34.12 5.18 -11.71
CA PRO B 121 -34.82 6.38 -11.26
C PRO B 121 -35.13 6.37 -9.76
N LEU B 122 -35.20 5.18 -9.18
CA LEU B 122 -35.50 5.04 -7.75
C LEU B 122 -34.28 5.09 -6.85
N GLY B 123 -33.09 5.10 -7.46
CA GLY B 123 -31.88 5.16 -6.66
C GLY B 123 -30.80 4.22 -7.14
N CYS B 124 -30.29 3.39 -6.24
CA CYS B 124 -29.24 2.44 -6.60
C CYS B 124 -29.66 1.01 -6.37
N ASP B 125 -29.91 0.30 -7.46
CA ASP B 125 -30.33 -1.09 -7.41
C ASP B 125 -29.11 -2.00 -7.36
N MET B 126 -29.16 -3.02 -6.51
CA MET B 126 -28.05 -3.95 -6.37
C MET B 126 -28.49 -5.41 -6.48
N LEU B 127 -27.71 -6.20 -7.21
CA LEU B 127 -27.98 -7.63 -7.35
C LEU B 127 -26.81 -8.36 -6.73
N CYS B 128 -27.08 -9.19 -5.73
CA CYS B 128 -26.03 -9.95 -5.07
C CYS B 128 -26.41 -11.41 -4.95
N SER B 129 -25.42 -12.23 -4.61
CA SER B 129 -25.63 -13.64 -4.35
C SER B 129 -25.38 -13.72 -2.86
N LYS B 130 -26.10 -14.59 -2.18
CA LYS B 130 -25.92 -14.80 -0.75
C LYS B 130 -25.48 -16.24 -0.57
N VAL B 131 -24.27 -16.45 -0.08
CA VAL B 131 -23.74 -17.80 0.11
C VAL B 131 -23.03 -17.97 1.43
N THR B 132 -22.71 -19.21 1.75
CA THR B 132 -22.00 -19.53 2.98
C THR B 132 -20.93 -20.55 2.63
N GLU B 133 -21.03 -21.09 1.42
CA GLU B 133 -20.10 -22.09 0.93
C GLU B 133 -19.16 -21.52 -0.13
N THR B 134 -18.13 -22.30 -0.48
CA THR B 134 -17.14 -21.89 -1.47
C THR B 134 -17.69 -21.98 -2.88
N GLU B 135 -17.09 -21.24 -3.81
CA GLU B 135 -17.52 -21.26 -5.20
C GLU B 135 -17.49 -22.68 -5.74
N GLU B 136 -16.33 -23.33 -5.60
CA GLU B 136 -16.18 -24.71 -6.07
C GLU B 136 -17.20 -25.60 -5.39
N GLU B 137 -17.52 -25.28 -4.13
CA GLU B 137 -18.49 -26.04 -3.37
C GLU B 137 -19.90 -25.76 -3.89
N ASP B 138 -20.11 -24.53 -4.36
CA ASP B 138 -21.41 -24.14 -4.89
C ASP B 138 -21.72 -24.95 -6.14
N TYR B 139 -20.78 -25.01 -7.07
CA TYR B 139 -20.98 -25.78 -8.29
C TYR B 139 -21.11 -27.27 -7.98
N ASN B 140 -20.65 -27.66 -6.79
CA ASN B 140 -20.73 -29.05 -6.37
C ASN B 140 -22.12 -29.37 -5.80
N SER B 141 -22.85 -28.32 -5.43
CA SER B 141 -24.20 -28.48 -4.89
C SER B 141 -25.22 -28.27 -6.01
N ALA B 142 -26.06 -29.28 -6.23
CA ALA B 142 -27.08 -29.24 -7.28
C ALA B 142 -28.01 -28.04 -7.24
N VAL B 143 -28.37 -27.57 -6.04
CA VAL B 143 -29.27 -26.44 -5.92
C VAL B 143 -28.63 -25.12 -6.36
N PRO B 144 -29.44 -24.16 -6.81
CA PRO B 144 -28.92 -22.86 -7.26
C PRO B 144 -28.45 -21.97 -6.11
N THR B 145 -27.76 -20.89 -6.47
CA THR B 145 -27.25 -19.94 -5.49
C THR B 145 -28.34 -18.93 -5.14
N LEU B 146 -28.45 -18.59 -3.86
CA LEU B 146 -29.45 -17.61 -3.43
C LEU B 146 -29.01 -16.24 -3.93
N MET B 147 -29.97 -15.47 -4.44
CA MET B 147 -29.70 -14.12 -4.94
C MET B 147 -30.72 -13.14 -4.38
N ALA B 148 -30.34 -11.87 -4.29
CA ALA B 148 -31.24 -10.85 -3.77
C ALA B 148 -31.14 -9.56 -4.57
N HIS B 149 -32.27 -8.87 -4.67
CA HIS B 149 -32.36 -7.61 -5.37
C HIS B 149 -32.56 -6.55 -4.28
N GLY B 150 -31.65 -5.58 -4.21
CA GLY B 150 -31.75 -4.55 -3.20
C GLY B 150 -31.71 -3.16 -3.79
N ARG B 151 -31.96 -2.15 -2.97
CA ARG B 151 -31.92 -0.78 -3.46
C ARG B 151 -31.71 0.27 -2.38
N LEU B 152 -30.76 1.15 -2.61
CA LEU B 152 -30.50 2.25 -1.69
C LEU B 152 -31.18 3.43 -2.39
N GLY B 153 -32.20 4.00 -1.75
CA GLY B 153 -32.90 5.10 -2.36
C GLY B 153 -32.33 6.47 -2.03
N PHE B 154 -32.87 7.49 -2.67
CA PHE B 154 -32.45 8.87 -2.44
C PHE B 154 -32.79 9.27 -1.01
N ASP B 155 -33.71 8.54 -0.39
CA ASP B 155 -34.09 8.83 0.98
C ASP B 155 -33.14 8.19 1.98
N GLY B 156 -32.12 7.49 1.47
CA GLY B 156 -31.14 6.87 2.33
C GLY B 156 -31.49 5.51 2.88
N GLN B 157 -32.71 5.05 2.64
CA GLN B 157 -33.13 3.75 3.14
C GLN B 157 -32.75 2.61 2.20
N TYR B 158 -32.44 1.47 2.79
CA TYR B 158 -32.09 0.30 2.00
C TYR B 158 -33.16 -0.77 2.19
N HIS B 159 -33.60 -1.35 1.08
CA HIS B 159 -34.60 -2.40 1.11
C HIS B 159 -34.07 -3.52 0.23
N GLU B 160 -34.51 -4.74 0.49
CA GLU B 160 -34.02 -5.88 -0.27
C GLU B 160 -34.98 -7.06 -0.19
N LYS B 161 -34.98 -7.90 -1.22
CA LYS B 161 -35.82 -9.08 -1.26
C LYS B 161 -35.12 -10.22 -1.99
N ASP B 162 -35.09 -11.39 -1.37
CA ASP B 162 -34.45 -12.55 -1.98
C ASP B 162 -35.29 -13.05 -3.15
N LEU B 163 -34.61 -13.41 -4.23
CA LEU B 163 -35.31 -13.92 -5.40
C LEU B 163 -35.62 -15.41 -5.19
N ASP B 164 -36.62 -15.91 -5.89
CA ASP B 164 -37.00 -17.32 -5.78
C ASP B 164 -36.15 -18.08 -6.79
N VAL B 165 -34.87 -18.25 -6.44
CA VAL B 165 -33.92 -18.93 -7.32
C VAL B 165 -34.30 -20.36 -7.64
N THR B 166 -35.05 -20.99 -6.74
CA THR B 166 -35.48 -22.37 -6.95
C THR B 166 -36.14 -22.49 -8.32
N THR B 167 -36.96 -21.52 -8.67
CA THR B 167 -37.64 -21.52 -9.94
C THR B 167 -36.90 -20.69 -10.99
N LEU B 168 -36.47 -19.50 -10.60
CA LEU B 168 -35.76 -18.61 -11.52
C LEU B 168 -34.52 -19.25 -12.11
N PHE B 169 -33.73 -19.93 -11.27
CA PHE B 169 -32.52 -20.59 -11.72
C PHE B 169 -32.61 -22.11 -11.52
N GLU B 170 -33.78 -22.68 -11.81
CA GLU B 170 -33.97 -24.10 -11.62
C GLU B 170 -32.94 -24.98 -12.33
N ASP B 171 -32.49 -24.55 -13.51
CA ASP B 171 -31.49 -25.33 -14.26
C ASP B 171 -30.05 -24.97 -13.93
N TRP B 172 -29.81 -24.35 -12.77
CA TRP B 172 -28.46 -23.94 -12.39
C TRP B 172 -27.93 -24.55 -11.09
N VAL B 173 -26.62 -24.81 -11.06
CA VAL B 173 -26.00 -25.35 -9.85
C VAL B 173 -25.29 -24.22 -9.13
N ALA B 174 -25.01 -23.14 -9.87
CA ALA B 174 -24.36 -21.95 -9.32
C ALA B 174 -24.66 -20.77 -10.23
N ASN B 175 -24.86 -19.60 -9.62
CA ASN B 175 -25.19 -18.39 -10.37
C ASN B 175 -24.80 -17.15 -9.57
N TYR B 176 -24.14 -16.20 -10.23
CA TYR B 176 -23.71 -14.97 -9.57
C TYR B 176 -23.83 -13.76 -10.47
N PRO B 177 -23.96 -12.56 -9.87
CA PRO B 177 -24.06 -11.34 -10.69
C PRO B 177 -22.67 -11.23 -11.31
N GLY B 178 -22.54 -10.55 -12.44
CA GLY B 178 -21.25 -10.44 -13.08
C GLY B 178 -20.29 -9.37 -12.53
N VAL B 179 -20.69 -8.72 -11.44
CA VAL B 179 -19.90 -7.66 -10.80
C VAL B 179 -19.96 -6.32 -11.50
N GLY B 180 -19.78 -6.32 -12.82
CA GLY B 180 -19.86 -5.08 -13.58
C GLY B 180 -21.25 -4.49 -13.32
N GLY B 181 -21.42 -3.22 -13.63
CA GLY B 181 -22.70 -2.57 -13.39
C GLY B 181 -23.82 -3.12 -14.27
N GLY B 182 -25.05 -2.76 -13.90
CA GLY B 182 -26.21 -3.16 -14.67
C GLY B 182 -26.77 -1.89 -15.29
N SER B 183 -27.77 -1.99 -16.16
CA SER B 183 -28.31 -0.81 -16.81
C SER B 183 -29.83 -0.74 -16.75
N PHE B 184 -30.37 0.47 -16.67
CA PHE B 184 -31.82 0.69 -16.61
C PHE B 184 -32.33 0.91 -18.03
N ILE B 185 -33.24 0.05 -18.48
CA ILE B 185 -33.80 0.13 -19.81
C ILE B 185 -35.29 -0.23 -19.83
N ASP B 186 -36.09 0.67 -20.38
CA ASP B 186 -37.53 0.45 -20.50
C ASP B 186 -38.20 -0.03 -19.22
N GLY B 187 -37.97 0.66 -18.11
CA GLY B 187 -38.60 0.31 -16.86
C GLY B 187 -38.08 -0.89 -16.10
N ARG B 188 -37.01 -1.53 -16.60
CA ARG B 188 -36.46 -2.69 -15.94
C ARG B 188 -34.94 -2.50 -15.78
N VAL B 189 -34.36 -3.18 -14.80
CA VAL B 189 -32.91 -3.10 -14.58
C VAL B 189 -32.35 -4.41 -15.12
N TRP B 190 -31.26 -4.33 -15.88
CA TRP B 190 -30.65 -5.50 -16.50
C TRP B 190 -29.24 -5.79 -16.01
N PHE B 191 -29.07 -6.98 -15.45
CA PHE B 191 -27.79 -7.44 -14.90
C PHE B 191 -27.24 -8.66 -15.62
N SER B 192 -25.93 -8.65 -15.89
CA SER B 192 -25.29 -9.79 -16.52
C SER B 192 -25.08 -10.77 -15.38
N VAL B 193 -25.28 -12.06 -15.63
CA VAL B 193 -25.08 -13.08 -14.60
C VAL B 193 -24.37 -14.25 -15.25
N TYR B 194 -23.76 -15.10 -14.43
CA TYR B 194 -23.08 -16.27 -14.95
C TYR B 194 -23.00 -17.33 -13.86
N GLY B 195 -22.72 -18.56 -14.27
CA GLY B 195 -22.62 -19.65 -13.33
C GLY B 195 -22.61 -20.98 -14.08
N GLY B 196 -23.02 -22.04 -13.40
CA GLY B 196 -23.02 -23.35 -14.03
C GLY B 196 -24.41 -23.97 -14.16
N LEU B 197 -24.62 -24.72 -15.24
CA LEU B 197 -25.90 -25.38 -15.50
C LEU B 197 -25.99 -26.81 -15.00
N LYS B 198 -27.20 -27.21 -14.63
CA LYS B 198 -27.42 -28.58 -14.17
C LYS B 198 -27.28 -29.44 -15.42
N PRO B 199 -26.40 -30.45 -15.40
CA PRO B 199 -26.21 -31.30 -16.57
C PRO B 199 -27.50 -31.97 -17.04
N ASN B 200 -27.75 -31.87 -18.35
CA ASN B 200 -28.93 -32.47 -18.98
C ASN B 200 -30.24 -31.76 -18.68
N SER B 201 -30.17 -30.62 -17.99
CA SER B 201 -31.38 -29.86 -17.68
C SER B 201 -31.83 -29.25 -18.99
N PRO B 202 -33.08 -28.76 -19.06
CA PRO B 202 -33.58 -28.14 -20.28
C PRO B 202 -32.62 -27.06 -20.81
N SER B 203 -32.11 -26.24 -19.91
CA SER B 203 -31.19 -25.18 -20.32
C SER B 203 -29.87 -25.75 -20.85
N ASP B 204 -29.36 -26.78 -20.18
CA ASP B 204 -28.11 -27.41 -20.59
C ASP B 204 -28.26 -28.08 -21.96
N THR B 205 -29.27 -28.92 -22.08
CA THR B 205 -29.55 -29.64 -23.31
C THR B 205 -29.61 -28.74 -24.53
N VAL B 206 -30.23 -27.58 -24.39
CA VAL B 206 -30.36 -26.65 -25.51
C VAL B 206 -29.02 -26.02 -25.90
N GLN B 207 -28.01 -26.16 -25.05
CA GLN B 207 -26.69 -25.60 -25.35
C GLN B 207 -25.73 -26.65 -25.92
N GLU B 208 -26.16 -27.91 -25.94
CA GLU B 208 -25.33 -28.98 -26.45
C GLU B 208 -24.92 -28.76 -27.90
N GLY B 209 -23.63 -28.86 -28.16
CA GLY B 209 -23.12 -28.68 -29.51
C GLY B 209 -22.96 -27.23 -29.93
N LYS B 210 -23.43 -26.31 -29.10
CA LYS B 210 -23.32 -24.89 -29.42
C LYS B 210 -21.97 -24.32 -28.99
N TYR B 211 -21.39 -23.49 -29.84
CA TYR B 211 -20.10 -22.88 -29.56
C TYR B 211 -19.84 -21.82 -30.61
N VAL B 212 -18.77 -21.06 -30.42
CA VAL B 212 -18.40 -20.03 -31.37
C VAL B 212 -16.91 -19.76 -31.25
N ILE B 213 -16.28 -19.46 -32.38
CA ILE B 213 -14.85 -19.20 -32.39
C ILE B 213 -14.56 -17.78 -32.84
N TYR B 214 -13.96 -17.00 -31.94
CA TYR B 214 -13.60 -15.63 -32.27
C TYR B 214 -12.09 -15.62 -32.45
N LYS B 215 -11.68 -15.21 -33.64
CA LYS B 215 -10.26 -15.17 -33.99
C LYS B 215 -9.59 -13.83 -33.74
N ARG B 216 -8.29 -13.89 -33.46
CA ARG B 216 -7.50 -12.69 -33.23
C ARG B 216 -7.25 -12.01 -34.57
N TYR B 217 -6.92 -10.73 -34.55
CA TYR B 217 -6.65 -9.99 -35.78
C TYR B 217 -5.22 -10.23 -36.26
N ASN B 218 -5.08 -10.59 -37.52
CA ASN B 218 -3.77 -10.83 -38.12
C ASN B 218 -2.92 -11.74 -37.24
N ASP B 219 -3.50 -12.87 -36.83
CA ASP B 219 -2.81 -13.84 -35.98
C ASP B 219 -3.66 -15.09 -35.84
N THR B 220 -3.78 -15.85 -36.94
CA THR B 220 -4.58 -17.07 -36.96
C THR B 220 -3.97 -18.23 -36.19
N CYS B 221 -4.85 -19.07 -35.65
CA CYS B 221 -4.42 -20.25 -34.89
C CYS B 221 -3.87 -21.32 -35.83
N PRO B 222 -2.78 -21.98 -35.44
CA PRO B 222 -2.15 -23.03 -36.25
C PRO B 222 -2.84 -24.39 -36.17
N ASP B 223 -3.54 -24.63 -35.07
CA ASP B 223 -4.23 -25.90 -34.85
C ASP B 223 -5.19 -26.27 -35.99
N GLU B 224 -5.38 -27.57 -36.20
CA GLU B 224 -6.28 -28.06 -37.24
C GLU B 224 -7.72 -27.75 -36.87
N GLN B 225 -8.52 -27.44 -37.88
CA GLN B 225 -9.94 -27.12 -37.70
C GLN B 225 -10.65 -28.08 -36.75
N ASP B 226 -10.55 -29.37 -37.05
CA ASP B 226 -11.18 -30.41 -36.24
C ASP B 226 -10.76 -30.29 -34.78
N TYR B 227 -9.54 -29.80 -34.57
CA TYR B 227 -9.01 -29.64 -33.23
C TYR B 227 -9.61 -28.43 -32.53
N GLN B 228 -9.62 -27.29 -33.21
CA GLN B 228 -10.16 -26.07 -32.64
C GLN B 228 -11.62 -26.24 -32.24
N ILE B 229 -12.40 -26.85 -33.11
CA ILE B 229 -13.82 -27.09 -32.84
C ILE B 229 -13.94 -27.93 -31.57
N ARG B 230 -13.14 -28.98 -31.48
CA ARG B 230 -13.15 -29.87 -30.32
C ARG B 230 -12.80 -29.10 -29.05
N MET B 231 -11.81 -28.22 -29.14
CA MET B 231 -11.40 -27.43 -27.99
C MET B 231 -12.40 -26.31 -27.68
N ALA B 232 -12.95 -25.70 -28.72
CA ALA B 232 -13.92 -24.63 -28.54
C ALA B 232 -15.11 -25.18 -27.75
N LYS B 233 -15.61 -26.34 -28.18
CA LYS B 233 -16.73 -26.97 -27.49
C LYS B 233 -16.41 -27.25 -26.03
N SER B 234 -15.17 -27.66 -25.77
CA SER B 234 -14.75 -27.98 -24.41
C SER B 234 -14.55 -26.75 -23.52
N SER B 235 -14.37 -25.59 -24.13
CA SER B 235 -14.16 -24.36 -23.36
C SER B 235 -15.38 -24.02 -22.50
N TYR B 236 -16.54 -24.56 -22.87
CA TYR B 236 -17.75 -24.31 -22.10
C TYR B 236 -17.86 -25.22 -20.89
N LYS B 237 -17.00 -26.23 -20.84
CA LYS B 237 -16.99 -27.17 -19.72
C LYS B 237 -15.57 -27.41 -19.21
N PRO B 238 -14.97 -26.39 -18.57
CA PRO B 238 -13.60 -26.47 -18.03
C PRO B 238 -13.47 -27.40 -16.82
N GLY B 239 -12.29 -27.98 -16.66
CA GLY B 239 -12.07 -28.89 -15.55
C GLY B 239 -12.18 -28.28 -14.17
N ARG B 240 -11.96 -26.98 -14.06
CA ARG B 240 -12.03 -26.33 -12.76
C ARG B 240 -13.32 -26.58 -12.00
N PHE B 241 -14.45 -26.60 -12.72
CA PHE B 241 -15.73 -26.83 -12.06
C PHE B 241 -16.38 -28.19 -12.35
N GLY B 242 -15.55 -29.22 -12.42
CA GLY B 242 -16.05 -30.56 -12.64
C GLY B 242 -16.81 -30.86 -13.92
N GLY B 243 -16.58 -30.08 -14.97
CA GLY B 243 -17.26 -30.34 -16.23
C GLY B 243 -18.60 -29.66 -16.46
N LYS B 244 -19.14 -29.01 -15.45
CA LYS B 244 -20.41 -28.31 -15.62
C LYS B 244 -20.22 -27.23 -16.68
N ARG B 245 -21.26 -26.96 -17.47
CA ARG B 245 -21.18 -25.93 -18.49
C ARG B 245 -21.28 -24.56 -17.80
N ILE B 246 -20.28 -23.70 -18.04
CA ILE B 246 -20.24 -22.36 -17.44
C ILE B 246 -20.98 -21.47 -18.43
N GLN B 247 -22.15 -20.98 -18.00
CA GLN B 247 -23.03 -20.20 -18.87
C GLN B 247 -23.23 -18.72 -18.60
N GLN B 248 -23.33 -17.95 -19.69
CA GLN B 248 -23.57 -16.52 -19.64
C GLN B 248 -25.08 -16.31 -19.69
N ALA B 249 -25.58 -15.36 -18.91
CA ALA B 249 -27.02 -15.09 -18.90
C ALA B 249 -27.29 -13.62 -18.59
N ILE B 250 -28.53 -13.21 -18.80
CA ILE B 250 -28.96 -11.84 -18.54
C ILE B 250 -30.25 -11.86 -17.75
N LEU B 251 -30.26 -11.17 -16.61
CA LEU B 251 -31.44 -11.12 -15.75
C LEU B 251 -32.04 -9.73 -15.72
N SER B 252 -33.31 -9.60 -16.07
CA SER B 252 -33.97 -8.30 -16.02
C SER B 252 -35.01 -8.36 -14.90
N ILE B 253 -35.16 -7.24 -14.20
CA ILE B 253 -36.12 -7.16 -13.09
C ILE B 253 -36.87 -5.83 -13.20
N LYS B 254 -38.16 -5.86 -12.89
CA LYS B 254 -38.94 -4.63 -12.97
C LYS B 254 -38.54 -3.69 -11.84
N VAL B 255 -38.34 -2.42 -12.17
CA VAL B 255 -37.98 -1.43 -11.17
C VAL B 255 -39.25 -0.78 -10.61
N SER B 256 -39.48 -0.97 -9.31
CA SER B 256 -40.65 -0.39 -8.66
C SER B 256 -40.44 -0.47 -7.16
N THR B 257 -41.44 -0.05 -6.40
CA THR B 257 -41.35 -0.08 -4.96
C THR B 257 -41.25 -1.51 -4.45
N SER B 258 -41.63 -2.47 -5.29
CA SER B 258 -41.54 -3.87 -4.92
C SER B 258 -40.22 -4.42 -5.46
N LEU B 259 -39.29 -4.71 -4.56
CA LEU B 259 -38.00 -5.26 -4.97
C LEU B 259 -38.12 -6.69 -5.47
N GLY B 260 -37.31 -7.02 -6.47
CA GLY B 260 -37.34 -8.37 -7.02
C GLY B 260 -38.60 -8.68 -7.79
N GLU B 261 -39.27 -7.66 -8.32
CA GLU B 261 -40.50 -7.85 -9.06
C GLU B 261 -40.35 -8.40 -10.48
N ASP B 262 -41.08 -9.48 -10.73
CA ASP B 262 -41.11 -10.14 -12.03
C ASP B 262 -39.76 -10.33 -12.74
N PRO B 263 -38.86 -11.11 -12.14
CA PRO B 263 -37.54 -11.35 -12.74
C PRO B 263 -37.66 -12.25 -13.97
N VAL B 264 -36.90 -11.97 -15.01
CA VAL B 264 -36.90 -12.80 -16.22
C VAL B 264 -35.46 -13.06 -16.64
N LEU B 265 -35.10 -14.35 -16.72
CA LEU B 265 -33.75 -14.75 -17.10
C LEU B 265 -33.66 -15.11 -18.57
N THR B 266 -32.69 -14.50 -19.25
CA THR B 266 -32.45 -14.77 -20.66
C THR B 266 -31.09 -15.46 -20.76
N VAL B 267 -31.05 -16.55 -21.52
CA VAL B 267 -29.80 -17.29 -21.69
C VAL B 267 -29.51 -17.33 -23.16
N PRO B 268 -28.57 -16.48 -23.62
CA PRO B 268 -28.24 -16.43 -25.04
C PRO B 268 -27.60 -17.74 -25.52
N PRO B 269 -27.67 -18.01 -26.83
CA PRO B 269 -27.10 -19.23 -27.42
C PRO B 269 -25.58 -19.13 -27.45
N ASN B 270 -24.91 -20.23 -27.11
CA ASN B 270 -23.45 -20.23 -27.10
C ASN B 270 -22.83 -20.20 -28.50
N THR B 271 -23.66 -19.86 -29.49
CA THR B 271 -23.20 -19.72 -30.86
C THR B 271 -22.93 -18.23 -31.00
N VAL B 272 -23.17 -17.50 -29.92
CA VAL B 272 -22.94 -16.06 -29.87
C VAL B 272 -21.99 -15.74 -28.71
N THR B 273 -22.32 -16.24 -27.53
CA THR B 273 -21.52 -16.02 -26.34
C THR B 273 -20.50 -17.11 -26.06
N LEU B 274 -19.37 -16.71 -25.48
CA LEU B 274 -18.31 -17.64 -25.10
C LEU B 274 -18.67 -18.11 -23.70
N MET B 275 -17.79 -18.90 -23.09
CA MET B 275 -18.01 -19.40 -21.74
C MET B 275 -18.51 -18.27 -20.84
N GLY B 276 -19.38 -18.60 -19.89
CA GLY B 276 -19.91 -17.59 -18.99
C GLY B 276 -18.82 -16.97 -18.12
N ALA B 277 -18.98 -15.70 -17.78
CA ALA B 277 -18.01 -15.01 -16.96
C ALA B 277 -18.58 -13.73 -16.36
N GLU B 278 -17.78 -13.07 -15.52
CA GLU B 278 -18.16 -11.81 -14.91
C GLU B 278 -18.43 -10.88 -16.09
N GLY B 279 -19.28 -9.88 -15.88
CA GLY B 279 -19.59 -8.97 -16.96
C GLY B 279 -20.28 -7.69 -16.55
N ARG B 280 -20.71 -6.92 -17.55
CA ARG B 280 -21.37 -5.65 -17.29
C ARG B 280 -22.33 -5.33 -18.42
N ILE B 281 -23.45 -4.70 -18.07
CA ILE B 281 -24.42 -4.27 -19.06
C ILE B 281 -24.44 -2.76 -18.96
N LEU B 282 -24.17 -2.10 -20.07
CA LEU B 282 -24.16 -0.65 -20.07
C LEU B 282 -24.83 -0.07 -21.29
N THR B 283 -25.30 1.16 -21.15
CA THR B 283 -25.97 1.88 -22.21
C THR B 283 -25.21 3.17 -22.49
N VAL B 284 -24.84 3.36 -23.75
CA VAL B 284 -24.13 4.55 -24.18
C VAL B 284 -24.91 5.07 -25.37
N GLY B 285 -25.45 6.28 -25.25
CA GLY B 285 -26.25 6.83 -26.32
C GLY B 285 -27.52 6.01 -26.38
N THR B 286 -27.85 5.45 -27.54
CA THR B 286 -29.04 4.64 -27.67
C THR B 286 -28.68 3.16 -27.79
N SER B 287 -27.40 2.86 -27.72
CA SER B 287 -26.93 1.48 -27.85
C SER B 287 -26.68 0.81 -26.49
N HIS B 288 -26.89 -0.49 -26.43
CA HIS B 288 -26.66 -1.24 -25.21
C HIS B 288 -25.53 -2.24 -25.45
N PHE B 289 -24.73 -2.48 -24.42
CA PHE B 289 -23.61 -3.39 -24.56
C PHE B 289 -23.48 -4.32 -23.37
N LEU B 290 -22.94 -5.50 -23.64
CA LEU B 290 -22.67 -6.45 -22.58
C LEU B 290 -21.19 -6.79 -22.65
N TYR B 291 -20.46 -6.38 -21.62
CA TYR B 291 -19.04 -6.69 -21.55
C TYR B 291 -18.95 -8.06 -20.89
N GLN B 292 -18.07 -8.90 -21.42
CA GLN B 292 -17.87 -10.22 -20.85
C GLN B 292 -16.40 -10.38 -20.57
N ARG B 293 -16.06 -10.73 -19.33
CA ARG B 293 -14.67 -10.96 -18.95
C ARG B 293 -14.10 -12.09 -19.80
N GLY B 294 -12.83 -11.99 -20.14
CA GLY B 294 -12.20 -13.03 -20.96
C GLY B 294 -11.68 -14.13 -20.06
N SER B 295 -12.60 -14.88 -19.47
CA SER B 295 -12.23 -15.95 -18.58
C SER B 295 -11.86 -17.23 -19.30
N SER B 296 -12.12 -17.26 -20.60
CA SER B 296 -11.81 -18.43 -21.41
C SER B 296 -10.54 -18.17 -22.21
N TYR B 297 -10.49 -18.71 -23.42
CA TYR B 297 -9.31 -18.58 -24.28
C TYR B 297 -9.18 -17.26 -25.03
N PHE B 298 -10.28 -16.54 -25.21
CA PHE B 298 -10.25 -15.28 -25.95
C PHE B 298 -9.74 -14.13 -25.07
N SER B 299 -8.64 -13.51 -25.49
CA SER B 299 -8.02 -12.43 -24.73
C SER B 299 -8.51 -11.00 -24.98
N PRO B 300 -8.70 -10.60 -26.24
CA PRO B 300 -9.17 -9.24 -26.50
C PRO B 300 -10.53 -8.90 -25.86
N ALA B 301 -10.64 -7.67 -25.39
CA ALA B 301 -11.88 -7.19 -24.75
C ALA B 301 -13.10 -7.37 -25.64
N LEU B 302 -14.14 -7.96 -25.07
CA LEU B 302 -15.39 -8.21 -25.79
C LEU B 302 -16.52 -7.27 -25.41
N LEU B 303 -17.24 -6.79 -26.42
CA LEU B 303 -18.39 -5.92 -26.20
C LEU B 303 -19.52 -6.40 -27.10
N TYR B 304 -20.40 -7.23 -26.56
CA TYR B 304 -21.53 -7.79 -27.29
C TYR B 304 -22.66 -6.78 -27.43
N PRO B 305 -23.04 -6.42 -28.67
CA PRO B 305 -24.13 -5.47 -28.78
C PRO B 305 -25.35 -6.18 -28.17
N MET B 306 -26.16 -5.44 -27.42
CA MET B 306 -27.34 -6.03 -26.78
C MET B 306 -28.61 -5.27 -27.14
N THR B 307 -29.64 -6.00 -27.57
CA THR B 307 -30.91 -5.38 -27.92
C THR B 307 -31.97 -5.93 -26.96
N VAL B 308 -32.96 -5.10 -26.66
CA VAL B 308 -34.01 -5.50 -25.73
C VAL B 308 -35.37 -5.69 -26.40
N SER B 309 -36.07 -6.73 -25.95
CA SER B 309 -37.41 -7.04 -26.46
C SER B 309 -38.30 -7.36 -25.27
N ASN B 310 -38.90 -6.32 -24.71
CA ASN B 310 -39.77 -6.47 -23.54
C ASN B 310 -38.94 -6.90 -22.32
N LYS B 311 -39.16 -8.11 -21.83
CA LYS B 311 -38.46 -8.60 -20.65
C LYS B 311 -37.22 -9.43 -20.99
N THR B 312 -36.95 -9.62 -22.27
CA THR B 312 -35.81 -10.43 -22.69
C THR B 312 -34.82 -9.64 -23.52
N ALA B 313 -33.63 -10.21 -23.72
CA ALA B 313 -32.60 -9.53 -24.48
C ALA B 313 -31.96 -10.43 -25.54
N THR B 314 -31.20 -9.80 -26.44
CA THR B 314 -30.51 -10.52 -27.51
C THR B 314 -29.12 -9.95 -27.71
N LEU B 315 -28.11 -10.82 -27.78
CA LEU B 315 -26.73 -10.40 -27.99
C LEU B 315 -26.33 -10.75 -29.43
N HIS B 316 -25.55 -9.87 -30.04
CA HIS B 316 -25.08 -10.04 -31.42
C HIS B 316 -23.56 -10.20 -31.43
N SER B 317 -22.99 -10.49 -32.60
CA SER B 317 -21.55 -10.64 -32.72
C SER B 317 -20.88 -9.47 -32.02
N PRO B 318 -19.94 -9.76 -31.10
CA PRO B 318 -19.21 -8.76 -30.32
C PRO B 318 -18.17 -7.92 -31.01
N TYR B 319 -17.93 -6.74 -30.44
CA TYR B 319 -16.88 -5.87 -30.94
C TYR B 319 -15.67 -6.47 -30.23
N THR B 320 -14.49 -6.34 -30.83
CA THR B 320 -13.29 -6.86 -30.21
C THR B 320 -12.18 -5.82 -30.34
N PHE B 321 -11.34 -5.73 -29.32
CA PHE B 321 -10.24 -4.77 -29.34
C PHE B 321 -8.97 -5.56 -29.06
N ASN B 322 -8.37 -6.03 -30.15
CA ASN B 322 -7.18 -6.86 -30.12
C ASN B 322 -6.02 -6.46 -29.21
N ALA B 323 -5.76 -5.16 -29.10
CA ALA B 323 -4.67 -4.69 -28.24
C ALA B 323 -5.08 -4.61 -26.78
N PHE B 324 -6.40 -4.61 -26.53
CA PHE B 324 -6.90 -4.55 -25.16
C PHE B 324 -6.99 -5.98 -24.65
N THR B 325 -5.82 -6.56 -24.35
CA THR B 325 -5.72 -7.93 -23.86
C THR B 325 -5.75 -7.97 -22.33
N ARG B 326 -5.78 -9.17 -21.78
CA ARG B 326 -5.77 -9.35 -20.34
C ARG B 326 -4.85 -10.52 -20.04
N PRO B 327 -4.20 -10.53 -18.87
CA PRO B 327 -3.31 -11.64 -18.53
C PRO B 327 -4.08 -12.91 -18.18
N GLY B 328 -3.46 -14.06 -18.45
CA GLY B 328 -4.10 -15.32 -18.15
C GLY B 328 -3.15 -16.50 -18.16
N SER B 329 -3.54 -17.57 -17.49
CA SER B 329 -2.74 -18.79 -17.40
C SER B 329 -2.63 -19.46 -18.77
N ILE B 330 -1.48 -20.05 -19.05
CA ILE B 330 -1.27 -20.75 -20.31
C ILE B 330 -2.30 -21.89 -20.31
N PRO B 331 -2.85 -22.23 -21.49
CA PRO B 331 -2.63 -21.69 -22.83
C PRO B 331 -3.55 -20.51 -23.15
N CYS B 332 -4.06 -19.86 -22.12
CA CYS B 332 -4.97 -18.74 -22.31
C CYS B 332 -4.39 -17.40 -21.91
N GLN B 333 -3.11 -17.18 -22.20
CA GLN B 333 -2.44 -15.94 -21.86
C GLN B 333 -2.87 -14.85 -22.82
N ALA B 334 -2.46 -13.62 -22.55
CA ALA B 334 -2.82 -12.47 -23.37
C ALA B 334 -2.62 -12.63 -24.87
N SER B 335 -1.55 -13.32 -25.26
CA SER B 335 -1.24 -13.51 -26.68
C SER B 335 -1.91 -14.74 -27.29
N ALA B 336 -2.64 -15.50 -26.47
CA ALA B 336 -3.33 -16.69 -26.95
C ALA B 336 -4.10 -16.41 -28.23
N ARG B 337 -4.19 -17.41 -29.10
CA ARG B 337 -4.91 -17.24 -30.36
C ARG B 337 -5.72 -18.49 -30.74
N CYS B 338 -5.63 -19.52 -29.91
CA CYS B 338 -6.36 -20.75 -30.19
C CYS B 338 -7.40 -21.10 -29.14
N PRO B 339 -8.47 -21.79 -29.55
CA PRO B 339 -9.52 -22.18 -28.61
C PRO B 339 -8.97 -23.21 -27.62
N ASN B 340 -9.25 -23.01 -26.35
CA ASN B 340 -8.77 -23.91 -25.30
C ASN B 340 -9.71 -23.87 -24.10
N SER B 341 -9.48 -24.77 -23.16
CA SER B 341 -10.31 -24.84 -21.96
C SER B 341 -9.57 -24.26 -20.77
N CYS B 342 -10.12 -23.19 -20.21
CA CYS B 342 -9.51 -22.52 -19.06
C CYS B 342 -10.52 -21.64 -18.33
N VAL B 343 -10.16 -21.27 -17.11
CA VAL B 343 -10.96 -20.37 -16.28
C VAL B 343 -9.92 -19.45 -15.65
N THR B 344 -9.61 -18.36 -16.35
CA THR B 344 -8.61 -17.41 -15.89
C THR B 344 -9.03 -15.99 -16.27
N GLY B 345 -8.06 -15.14 -16.59
CA GLY B 345 -8.39 -13.78 -16.98
C GLY B 345 -8.71 -12.90 -15.80
N VAL B 346 -9.15 -11.68 -16.10
CA VAL B 346 -9.48 -10.71 -15.08
C VAL B 346 -10.46 -9.68 -15.62
N TYR B 347 -11.32 -9.15 -14.75
CA TYR B 347 -12.30 -8.16 -15.20
C TYR B 347 -11.61 -6.80 -15.42
N THR B 348 -11.65 -6.33 -16.66
CA THR B 348 -11.10 -5.03 -17.04
C THR B 348 -12.02 -4.58 -18.19
N ASP B 349 -13.08 -3.83 -17.87
CA ASP B 349 -14.02 -3.44 -18.91
C ASP B 349 -13.68 -2.25 -19.79
N PRO B 350 -14.19 -2.25 -21.02
CA PRO B 350 -13.96 -1.18 -22.00
C PRO B 350 -15.20 -0.30 -22.08
N TYR B 351 -15.02 1.02 -22.05
CA TYR B 351 -16.16 1.92 -22.13
C TYR B 351 -16.26 2.57 -23.51
N PRO B 352 -17.39 2.38 -24.20
CA PRO B 352 -17.63 2.95 -25.53
C PRO B 352 -17.33 4.45 -25.51
N LEU B 353 -16.34 4.87 -26.29
CA LEU B 353 -15.95 6.27 -26.33
C LEU B 353 -16.06 6.97 -27.68
N ILE B 354 -15.57 6.33 -28.74
CA ILE B 354 -15.60 6.91 -30.08
C ILE B 354 -16.49 6.11 -31.03
N PHE B 355 -17.38 6.81 -31.73
CA PHE B 355 -18.30 6.18 -32.67
C PHE B 355 -18.28 6.85 -34.04
N TYR B 356 -18.72 6.12 -35.06
CA TYR B 356 -18.81 6.67 -36.40
C TYR B 356 -20.03 7.57 -36.33
N ARG B 357 -20.34 8.27 -37.42
CA ARG B 357 -21.52 9.13 -37.42
C ARG B 357 -22.78 8.27 -37.43
N ASN B 358 -22.66 7.06 -37.95
CA ASN B 358 -23.79 6.15 -38.03
C ASN B 358 -23.99 5.36 -36.73
N HIS B 359 -23.34 5.81 -35.66
CA HIS B 359 -23.46 5.21 -34.34
C HIS B 359 -22.73 3.88 -34.14
N THR B 360 -21.94 3.46 -35.11
CA THR B 360 -21.19 2.21 -34.98
C THR B 360 -19.99 2.46 -34.07
N LEU B 361 -19.91 1.72 -32.96
CA LEU B 361 -18.81 1.88 -32.02
C LEU B 361 -17.47 1.72 -32.72
N ARG B 362 -16.53 2.60 -32.39
CA ARG B 362 -15.22 2.58 -33.01
C ARG B 362 -14.10 2.42 -31.98
N GLY B 363 -14.14 3.22 -30.92
CA GLY B 363 -13.10 3.14 -29.90
C GLY B 363 -13.62 3.12 -28.48
N VAL B 364 -12.83 2.54 -27.58
CA VAL B 364 -13.20 2.46 -26.17
C VAL B 364 -12.03 2.84 -25.27
N PHE B 365 -12.35 3.20 -24.03
CA PHE B 365 -11.34 3.55 -23.04
C PHE B 365 -11.39 2.46 -21.97
N GLY B 366 -10.24 2.13 -21.40
CA GLY B 366 -10.21 1.12 -20.36
C GLY B 366 -8.84 1.03 -19.71
N THR B 367 -8.78 0.34 -18.57
CA THR B 367 -7.53 0.16 -17.87
C THR B 367 -7.21 -1.33 -17.91
N MET B 368 -6.34 -1.70 -18.85
CA MET B 368 -5.94 -3.08 -19.04
C MET B 368 -4.78 -3.41 -18.12
N LEU B 369 -4.53 -4.72 -17.94
CA LEU B 369 -3.40 -5.16 -17.13
C LEU B 369 -2.37 -5.56 -18.18
N ASP B 370 -1.38 -4.69 -18.38
CA ASP B 370 -0.33 -4.92 -19.38
C ASP B 370 0.61 -6.03 -18.94
N SER B 371 0.13 -7.26 -18.99
CA SER B 371 0.93 -8.41 -18.59
C SER B 371 0.48 -9.62 -19.39
N GLU B 372 1.38 -10.59 -19.55
CA GLU B 372 1.08 -11.79 -20.31
C GLU B 372 0.27 -12.83 -19.54
N GLN B 373 0.73 -13.15 -18.33
CA GLN B 373 0.06 -14.15 -17.49
C GLN B 373 -0.29 -13.68 -16.09
N ALA B 374 0.59 -12.87 -15.49
CA ALA B 374 0.36 -12.37 -14.14
C ALA B 374 -0.58 -11.16 -14.13
N ARG B 375 -1.33 -11.00 -13.06
CA ARG B 375 -2.26 -9.88 -12.92
C ARG B 375 -1.54 -8.65 -12.39
N LEU B 376 -0.89 -7.92 -13.29
CA LEU B 376 -0.17 -6.73 -12.85
C LEU B 376 0.02 -5.71 -13.96
N ASN B 377 0.61 -4.58 -13.58
CA ASN B 377 0.90 -3.50 -14.52
C ASN B 377 -0.34 -2.84 -15.14
N PRO B 378 -1.21 -2.24 -14.31
CA PRO B 378 -2.42 -1.57 -14.82
C PRO B 378 -2.05 -0.37 -15.69
N ALA B 379 -2.72 -0.22 -16.83
CA ALA B 379 -2.45 0.90 -17.73
C ALA B 379 -3.71 1.35 -18.46
N SER B 380 -3.98 2.65 -18.44
CA SER B 380 -5.15 3.21 -19.11
C SER B 380 -4.80 3.65 -20.53
N ALA B 381 -5.74 3.43 -21.46
CA ALA B 381 -5.52 3.81 -22.85
C ALA B 381 -6.82 3.77 -23.65
N VAL B 382 -6.73 4.26 -24.89
CA VAL B 382 -7.85 4.28 -25.83
C VAL B 382 -7.55 3.17 -26.83
N PHE B 383 -8.53 2.31 -27.10
CA PHE B 383 -8.33 1.21 -28.05
C PHE B 383 -9.36 1.17 -29.16
N ASP B 384 -8.94 0.66 -30.32
CA ASP B 384 -9.84 0.48 -31.44
C ASP B 384 -9.74 -1.01 -31.75
N SER B 385 -10.32 -1.46 -32.86
CA SER B 385 -10.28 -2.88 -33.18
C SER B 385 -8.90 -3.54 -33.16
N THR B 386 -7.85 -2.79 -33.51
CA THR B 386 -6.51 -3.38 -33.56
C THR B 386 -5.38 -2.71 -32.78
N SER B 387 -5.51 -1.41 -32.53
CA SER B 387 -4.44 -0.67 -31.86
C SER B 387 -4.74 -0.11 -30.47
N ARG B 388 -3.68 0.42 -29.86
CA ARG B 388 -3.73 1.03 -28.54
C ARG B 388 -3.04 2.38 -28.62
N SER B 389 -3.65 3.39 -28.00
CA SER B 389 -3.10 4.74 -28.00
C SER B 389 -1.96 4.82 -27.00
N ARG B 390 -1.45 6.04 -26.81
CA ARG B 390 -0.39 6.28 -25.84
C ARG B 390 -1.05 5.86 -24.54
N ILE B 391 -0.28 5.25 -23.63
CA ILE B 391 -0.86 4.80 -22.36
C ILE B 391 -0.47 5.68 -21.18
N THR B 392 -1.19 5.47 -20.07
CA THR B 392 -0.94 6.17 -18.82
C THR B 392 -0.90 5.08 -17.77
N ARG B 393 0.30 4.76 -17.29
CA ARG B 393 0.47 3.73 -16.29
C ARG B 393 -0.09 4.16 -14.94
N VAL B 394 -0.86 3.27 -14.31
CA VAL B 394 -1.46 3.57 -13.02
C VAL B 394 -0.45 3.76 -11.91
N SER B 395 0.57 2.90 -11.90
CA SER B 395 1.61 2.96 -10.88
C SER B 395 2.90 2.35 -11.42
N SER B 396 3.29 1.19 -10.89
CA SER B 396 4.50 0.52 -11.34
C SER B 396 4.18 -0.79 -12.04
N SER B 397 5.21 -1.43 -12.59
CA SER B 397 5.04 -2.70 -13.28
C SER B 397 4.84 -3.80 -12.26
N SER B 398 5.03 -3.46 -10.99
CA SER B 398 4.88 -4.40 -9.89
C SER B 398 3.45 -4.43 -9.38
N THR B 399 2.77 -3.30 -9.47
CA THR B 399 1.39 -3.18 -9.01
C THR B 399 0.48 -4.31 -9.47
N LYS B 400 -0.18 -4.95 -8.50
CA LYS B 400 -1.10 -6.04 -8.77
C LYS B 400 -2.51 -5.45 -8.88
N ALA B 401 -3.35 -6.05 -9.73
CA ALA B 401 -4.71 -5.58 -9.92
C ALA B 401 -5.66 -6.78 -10.03
N ALA B 402 -6.91 -6.58 -9.62
CA ALA B 402 -7.91 -7.65 -9.65
C ALA B 402 -9.16 -7.26 -10.44
N TYR B 403 -9.40 -5.95 -10.57
CA TYR B 403 -10.55 -5.43 -11.29
C TYR B 403 -10.31 -3.99 -11.72
N THR B 404 -10.88 -3.60 -12.86
CA THR B 404 -10.85 -2.22 -13.31
C THR B 404 -12.16 -2.00 -14.06
N THR B 405 -12.89 -0.95 -13.68
CA THR B 405 -14.14 -0.65 -14.36
C THR B 405 -14.11 0.84 -14.68
N SER B 406 -14.31 1.15 -15.95
CA SER B 406 -14.26 2.52 -16.41
C SER B 406 -15.59 3.03 -16.96
N THR B 407 -15.82 4.32 -16.76
CA THR B 407 -17.01 5.01 -17.25
C THR B 407 -16.53 6.41 -17.62
N CYS B 408 -16.90 6.87 -18.81
CA CYS B 408 -16.48 8.19 -19.25
C CYS B 408 -17.69 9.14 -19.37
N PHE B 409 -17.41 10.44 -19.28
CA PHE B 409 -18.46 11.43 -19.34
C PHE B 409 -17.86 12.75 -19.84
N LYS B 410 -18.71 13.75 -20.02
CA LYS B 410 -18.25 15.03 -20.51
C LYS B 410 -18.74 16.17 -19.64
N VAL B 411 -17.92 17.20 -19.50
CA VAL B 411 -18.31 18.38 -18.76
C VAL B 411 -18.73 19.34 -19.87
N VAL B 412 -20.04 19.43 -20.09
CA VAL B 412 -20.60 20.27 -21.14
C VAL B 412 -20.18 21.74 -21.04
N LYS B 413 -19.97 22.21 -19.81
CA LYS B 413 -19.58 23.60 -19.60
C LYS B 413 -18.24 23.93 -20.26
N THR B 414 -17.32 22.98 -20.23
CA THR B 414 -16.00 23.19 -20.83
C THR B 414 -15.82 22.34 -22.08
N ASN B 415 -16.79 21.45 -22.32
CA ASN B 415 -16.75 20.56 -23.46
C ASN B 415 -15.53 19.63 -23.43
N LYS B 416 -15.09 19.27 -22.23
CA LYS B 416 -13.96 18.36 -22.10
C LYS B 416 -14.46 16.98 -21.69
N THR B 417 -13.81 15.95 -22.21
CA THR B 417 -14.19 14.58 -21.91
C THR B 417 -13.25 13.97 -20.88
N TYR B 418 -13.82 13.22 -19.93
CA TYR B 418 -13.05 12.57 -18.89
C TYR B 418 -13.49 11.13 -18.74
N CYS B 419 -12.57 10.29 -18.25
CA CYS B 419 -12.88 8.89 -18.01
C CYS B 419 -12.48 8.54 -16.60
N LEU B 420 -13.40 7.90 -15.87
CA LEU B 420 -13.14 7.46 -14.50
C LEU B 420 -12.76 5.99 -14.57
N SER B 421 -11.66 5.63 -13.93
CA SER B 421 -11.23 4.24 -13.90
C SER B 421 -11.09 3.82 -12.44
N ILE B 422 -11.94 2.90 -12.01
CA ILE B 422 -11.93 2.39 -10.64
C ILE B 422 -11.16 1.08 -10.68
N ALA B 423 -10.12 0.95 -9.86
CA ALA B 423 -9.31 -0.26 -9.88
C ALA B 423 -8.97 -0.81 -8.52
N GLU B 424 -9.10 -2.12 -8.38
CA GLU B 424 -8.76 -2.78 -7.14
C GLU B 424 -7.28 -3.10 -7.31
N ILE B 425 -6.43 -2.38 -6.58
CA ILE B 425 -4.99 -2.58 -6.72
C ILE B 425 -4.26 -2.81 -5.41
N SER B 426 -3.01 -3.25 -5.53
CA SER B 426 -2.17 -3.52 -4.36
C SER B 426 -0.71 -3.47 -4.76
N ASN B 427 0.13 -3.08 -3.82
CA ASN B 427 1.55 -3.03 -4.06
C ASN B 427 2.17 -4.28 -3.44
N THR B 428 3.30 -4.71 -3.97
CA THR B 428 3.99 -5.89 -3.48
C THR B 428 4.07 -5.99 -1.95
N LEU B 429 4.11 -4.85 -1.27
CA LEU B 429 4.19 -4.88 0.19
C LEU B 429 3.58 -3.69 0.94
N PHE B 430 2.51 -3.11 0.41
CA PHE B 430 1.86 -1.99 1.08
C PHE B 430 0.47 -2.39 1.61
N GLY B 431 0.26 -3.69 1.78
CA GLY B 431 -1.02 -4.16 2.29
C GLY B 431 -1.83 -4.95 1.28
N GLU B 432 -3.07 -5.26 1.65
CA GLU B 432 -3.95 -6.02 0.77
C GLU B 432 -4.53 -5.11 -0.31
N PHE B 433 -5.36 -5.68 -1.17
CA PHE B 433 -5.99 -4.91 -2.24
C PHE B 433 -6.88 -3.82 -1.67
N ARG B 434 -7.06 -2.76 -2.43
CA ARG B 434 -7.97 -1.68 -2.05
C ARG B 434 -8.39 -1.01 -3.34
N ILE B 435 -9.62 -0.50 -3.35
CA ILE B 435 -10.16 0.13 -4.53
C ILE B 435 -9.79 1.60 -4.57
N VAL B 436 -9.26 2.02 -5.72
CA VAL B 436 -8.81 3.39 -5.93
C VAL B 436 -9.42 3.95 -7.21
N PRO B 437 -10.00 5.15 -7.13
CA PRO B 437 -10.60 5.77 -8.32
C PRO B 437 -9.60 6.75 -8.96
N LEU B 438 -9.51 6.71 -10.29
CA LEU B 438 -8.61 7.59 -11.02
C LEU B 438 -9.38 8.28 -12.14
N LEU B 439 -9.02 9.54 -12.39
CA LEU B 439 -9.69 10.31 -13.44
C LEU B 439 -8.65 10.82 -14.43
N VAL B 440 -8.99 10.79 -15.71
CA VAL B 440 -8.09 11.26 -16.75
C VAL B 440 -8.89 11.96 -17.85
N GLU B 441 -8.32 13.01 -18.41
CA GLU B 441 -9.00 13.72 -19.49
C GLU B 441 -8.58 13.06 -20.79
N ILE B 442 -9.49 12.96 -21.74
CA ILE B 442 -9.16 12.37 -23.02
C ILE B 442 -8.64 13.48 -23.94
N LEU B 443 -7.37 13.37 -24.32
CA LEU B 443 -6.75 14.37 -25.18
C LEU B 443 -6.71 13.96 -26.65
N LYS B 444 -6.30 14.91 -27.48
CA LYS B 444 -6.22 14.71 -28.92
C LYS B 444 -5.09 15.56 -29.50
N ASN B 445 -4.04 14.91 -29.98
CA ASN B 445 -2.93 15.62 -30.57
C ASN B 445 -3.28 16.13 -31.96
N ASP B 446 -3.19 17.45 -32.15
CA ASP B 446 -3.51 18.08 -33.43
C ASP B 446 -2.25 18.45 -34.19
N GLY B 447 -1.18 18.71 -33.46
CA GLY B 447 0.08 19.06 -34.08
C GLY B 447 0.75 17.87 -34.73
N VAL B 448 0.02 16.77 -34.84
CA VAL B 448 0.54 15.55 -35.45
C VAL B 448 0.34 15.53 -36.97
N ARG B 449 -0.87 15.86 -37.41
CA ARG B 449 -1.17 15.88 -38.83
C ARG B 449 -2.26 16.91 -39.15
N GLU B 450 -2.04 18.10 -38.83
#